data_5RLS
#
_entry.id   5RLS
#
_cell.length_a   59.176
_cell.length_b   70.314
_cell.length_c   85.289
_cell.angle_alpha   102.470
_cell.angle_beta   96.410
_cell.angle_gamma   112.580
#
_symmetry.space_group_name_H-M   'P 1'
#
loop_
_entity.id
_entity.type
_entity.pdbx_description
1 polymer Helicase
2 non-polymer N-hydroxyquinoline-2-carboxamide
3 non-polymer 'ZINC ION'
4 non-polymer 'PHOSPHATE ION'
5 water water
#
_entity_poly.entity_id   1
_entity_poly.type   'polypeptide(L)'
_entity_poly.pdbx_seq_one_letter_code
;AVGACVLCNSQTSLRCGACIRRPFLCCKCCYDHVISTSHKLVLSVNPYVCNAPGCDVTDVTQLYLGGMSYYCKSHKPPIS
FPLCANGQVFGLYKNTCVGSDNVTDFNAIATCDWTNAGDYILANTCTERLKLFAAETLKATEETFKLSYGIATVREVLSD
RELHLSWEVGKPRPPLNRNYVFTGYRVTKNSKVQIGEYTFEKGDYGDAVVYRGTTTYKLNVGDYFVLTSHTVMPLSAPTL
VPQEHYVRITGLYPTLNISDEFSSNVANYQKVGMQKYSTLQGPPGTGKSHFAIGLALYYPSARIVYTACSHAAVDALCEK
ALKYLPIDKCSRIIPARARVECFDKFKVNSTLEQYVFCTVNALPETTADIVVFDEISMATNYDLSVVNARLRAKHYVYIG
DPAQLPAPRTLLTKGTLEPEYFNSVCRLMKTIGPDMFLGTCRRCPAEIVDTVSALVYDNKLKAHKDKSAQCFKMFYKGVI
THDVSSAINRPQIGVVREFLTRNPAWRKAVFISPYNSQNAVASKILGLPTQTVDSSQGSEYDYVIFTQTTETAHSCNVNR
FNVAITRAKVGILCIMSDRDLYDKLQFTSLEIPRRNVATLQ
;
_entity_poly.pdbx_strand_id   A,B
#
loop_
_chem_comp.id
_chem_comp.type
_chem_comp.name
_chem_comp.formula
PO4 non-polymer 'PHOSPHATE ION' 'O4 P -3'
VWG non-polymer N-hydroxyquinoline-2-carboxamide 'C10 H8 N2 O2'
ZN non-polymer 'ZINC ION' 'Zn 2'
#
# COMPACT_ATOMS: atom_id res chain seq x y z
N ALA A 1 -2.42 -22.52 -13.06
CA ALA A 1 -2.20 -23.93 -13.38
C ALA A 1 -1.15 -24.20 -14.49
N VAL A 2 -0.69 -23.16 -15.23
CA VAL A 2 0.35 -23.30 -16.27
C VAL A 2 1.42 -22.24 -16.09
N GLY A 3 2.63 -22.68 -15.75
CA GLY A 3 3.72 -21.74 -15.55
C GLY A 3 5.10 -22.23 -15.89
N ALA A 4 6.12 -21.64 -15.27
CA ALA A 4 7.50 -21.99 -15.57
C ALA A 4 8.19 -22.70 -14.40
N CYS A 5 9.04 -23.68 -14.73
CA CYS A 5 9.82 -24.48 -13.80
C CYS A 5 10.74 -23.64 -12.92
N VAL A 6 10.69 -23.86 -11.58
CA VAL A 6 11.57 -23.12 -10.68
C VAL A 6 13.03 -23.61 -10.74
N LEU A 7 13.39 -24.54 -11.65
CA LEU A 7 14.77 -25.00 -11.77
C LEU A 7 15.38 -24.79 -13.14
N CYS A 8 14.56 -24.68 -14.20
CA CYS A 8 15.11 -24.43 -15.54
C CYS A 8 14.18 -23.58 -16.44
N ASN A 9 13.04 -23.08 -15.89
CA ASN A 9 12.03 -22.21 -16.54
C ASN A 9 11.29 -22.89 -17.70
N SER A 10 11.55 -24.20 -17.96
CA SER A 10 10.89 -24.99 -19.01
C SER A 10 9.40 -25.00 -18.68
N GLN A 11 8.56 -24.38 -19.52
CA GLN A 11 7.11 -24.28 -19.28
C GLN A 11 6.47 -25.66 -18.95
N THR A 12 5.60 -25.71 -17.92
CA THR A 12 4.95 -26.95 -17.49
C THR A 12 3.64 -26.78 -16.74
N SER A 13 2.76 -27.78 -16.84
CA SER A 13 1.52 -27.82 -16.10
C SER A 13 1.71 -28.41 -14.67
N LEU A 14 2.87 -29.09 -14.42
CA LEU A 14 3.21 -29.72 -13.14
C LEU A 14 3.70 -28.73 -12.06
N ARG A 15 3.21 -28.94 -10.82
CA ARG A 15 3.53 -28.20 -9.58
C ARG A 15 3.67 -29.25 -8.47
N CYS A 16 4.64 -29.10 -7.54
CA CYS A 16 4.71 -30.06 -6.44
C CYS A 16 3.64 -29.78 -5.38
N GLY A 17 2.73 -30.75 -5.24
CA GLY A 17 1.64 -30.68 -4.30
C GLY A 17 2.08 -30.85 -2.86
N ALA A 18 3.24 -31.52 -2.64
CA ALA A 18 3.80 -31.73 -1.29
C ALA A 18 4.65 -30.53 -0.79
N CYS A 19 5.08 -29.65 -1.72
CA CYS A 19 5.79 -28.42 -1.34
C CYS A 19 4.75 -27.44 -0.80
N ILE A 20 5.12 -26.67 0.26
CA ILE A 20 4.23 -25.65 0.86
C ILE A 20 4.10 -24.39 -0.07
N ARG A 21 4.98 -24.24 -1.07
CA ARG A 21 4.90 -23.15 -2.03
C ARG A 21 4.38 -23.62 -3.42
N ARG A 22 4.18 -24.96 -3.63
CA ARG A 22 3.70 -25.61 -4.87
C ARG A 22 4.41 -25.10 -6.12
N PRO A 23 5.75 -25.26 -6.16
CA PRO A 23 6.52 -24.75 -7.30
C PRO A 23 6.26 -25.49 -8.60
N PHE A 24 6.26 -24.76 -9.71
CA PHE A 24 6.15 -25.38 -11.03
C PHE A 24 7.43 -26.18 -11.29
N LEU A 25 7.29 -27.44 -11.65
CA LEU A 25 8.41 -28.30 -11.92
C LEU A 25 8.22 -28.91 -13.30
N CYS A 26 9.23 -28.80 -14.16
CA CYS A 26 9.13 -29.36 -15.49
C CYS A 26 9.23 -30.88 -15.43
N CYS A 27 8.73 -31.58 -16.44
CA CYS A 27 8.78 -33.05 -16.54
C CYS A 27 10.12 -33.68 -16.01
N LYS A 28 11.29 -33.13 -16.43
CA LYS A 28 12.61 -33.63 -16.05
C LYS A 28 12.96 -33.36 -14.58
N CYS A 29 12.69 -32.15 -14.10
CA CYS A 29 13.02 -31.74 -12.74
C CYS A 29 12.03 -32.25 -11.69
N CYS A 30 10.75 -32.40 -12.08
CA CYS A 30 9.67 -32.92 -11.26
C CYS A 30 9.96 -34.36 -10.87
N TYR A 31 10.45 -35.14 -11.84
CA TYR A 31 10.84 -36.53 -11.63
C TYR A 31 11.98 -36.59 -10.65
N ASP A 32 13.08 -35.84 -10.92
CA ASP A 32 14.27 -35.78 -10.06
C ASP A 32 13.94 -35.44 -8.63
N HIS A 33 12.84 -34.69 -8.41
CA HIS A 33 12.33 -34.30 -7.10
C HIS A 33 11.51 -35.41 -6.41
N VAL A 34 10.45 -35.94 -7.08
CA VAL A 34 9.59 -36.94 -6.48
C VAL A 34 10.30 -38.29 -6.26
N ILE A 35 11.35 -38.58 -7.07
CA ILE A 35 12.08 -39.84 -6.90
C ILE A 35 13.15 -39.80 -5.79
N SER A 36 13.36 -38.63 -5.17
CA SER A 36 14.38 -38.48 -4.14
C SER A 36 13.86 -37.97 -2.80
N THR A 37 12.65 -37.41 -2.78
CA THR A 37 12.09 -36.86 -1.55
C THR A 37 10.83 -37.62 -1.12
N SER A 38 10.31 -37.33 0.09
CA SER A 38 9.02 -37.88 0.55
C SER A 38 7.84 -37.27 -0.29
N HIS A 39 8.13 -36.21 -1.09
CA HIS A 39 7.18 -35.49 -1.92
C HIS A 39 6.79 -36.33 -3.12
N LYS A 40 5.54 -36.80 -3.16
CA LYS A 40 5.06 -37.62 -4.28
C LYS A 40 3.73 -37.11 -4.87
N LEU A 41 3.08 -36.10 -4.26
CA LEU A 41 1.85 -35.56 -4.84
C LEU A 41 2.23 -34.58 -5.92
N VAL A 42 1.82 -34.84 -7.17
CA VAL A 42 2.09 -33.94 -8.30
C VAL A 42 0.76 -33.29 -8.71
N LEU A 43 0.73 -31.96 -8.89
CA LEU A 43 -0.47 -31.22 -9.28
C LEU A 43 -0.34 -30.73 -10.73
N SER A 44 -1.44 -30.79 -11.53
CA SER A 44 -1.54 -30.29 -12.93
C SER A 44 -2.86 -29.46 -12.94
N VAL A 45 -3.68 -29.47 -14.03
CA VAL A 45 -5.00 -28.80 -14.00
C VAL A 45 -5.88 -29.61 -12.98
N ASN A 46 -5.77 -30.94 -13.10
CA ASN A 46 -6.32 -31.99 -12.27
C ASN A 46 -5.12 -32.63 -11.49
N PRO A 47 -5.32 -33.07 -10.23
CA PRO A 47 -4.21 -33.69 -9.51
C PRO A 47 -3.86 -35.05 -10.07
N TYR A 48 -2.65 -35.51 -9.78
CA TYR A 48 -2.21 -36.82 -10.20
C TYR A 48 -2.56 -37.76 -9.07
N VAL A 49 -3.77 -38.30 -9.15
CA VAL A 49 -4.38 -39.19 -8.16
C VAL A 49 -5.22 -40.27 -8.92
N CYS A 50 -5.47 -41.43 -8.28
CA CYS A 50 -6.25 -42.47 -8.92
C CYS A 50 -7.73 -42.09 -9.08
N ASN A 51 -8.19 -42.09 -10.33
CA ASN A 51 -9.56 -41.75 -10.73
C ASN A 51 -10.59 -42.83 -10.40
N ALA A 52 -10.12 -44.05 -10.04
CA ALA A 52 -11.00 -45.15 -9.67
C ALA A 52 -11.70 -44.82 -8.36
N PRO A 53 -13.02 -45.05 -8.29
CA PRO A 53 -13.77 -44.66 -7.09
C PRO A 53 -13.25 -45.18 -5.76
N GLY A 54 -13.15 -44.27 -4.79
CA GLY A 54 -12.71 -44.57 -3.44
C GLY A 54 -11.31 -45.11 -3.32
N CYS A 55 -10.45 -44.80 -4.31
CA CYS A 55 -9.07 -45.26 -4.26
C CYS A 55 -8.21 -44.11 -3.83
N ASP A 56 -7.38 -44.32 -2.79
CA ASP A 56 -6.54 -43.28 -2.20
C ASP A 56 -5.06 -43.28 -2.66
N VAL A 57 -4.76 -43.79 -3.88
CA VAL A 57 -3.38 -43.75 -4.38
C VAL A 57 -3.11 -42.37 -4.97
N THR A 58 -2.23 -41.60 -4.28
CA THR A 58 -1.83 -40.22 -4.60
C THR A 58 -0.32 -40.07 -4.98
N ASP A 59 0.47 -41.14 -4.83
CA ASP A 59 1.88 -41.17 -5.13
C ASP A 59 2.04 -41.31 -6.62
N VAL A 60 2.70 -40.33 -7.27
CA VAL A 60 2.94 -40.26 -8.73
C VAL A 60 3.79 -41.48 -9.26
N THR A 61 4.62 -42.07 -8.40
CA THR A 61 5.44 -43.24 -8.78
C THR A 61 4.59 -44.52 -8.91
N GLN A 62 3.42 -44.57 -8.19
CA GLN A 62 2.46 -45.68 -8.20
C GLN A 62 1.30 -45.43 -9.15
N LEU A 63 1.37 -44.40 -10.02
CA LEU A 63 0.29 -44.04 -10.93
C LEU A 63 0.67 -44.10 -12.43
N TYR A 64 -0.35 -44.29 -13.28
CA TYR A 64 -0.26 -44.47 -14.73
C TYR A 64 -1.35 -43.65 -15.48
N LEU A 65 -1.14 -43.36 -16.78
CA LEU A 65 -2.09 -42.64 -17.64
C LEU A 65 -2.97 -43.62 -18.49
N GLY A 66 -4.29 -43.66 -18.16
CA GLY A 66 -5.30 -44.48 -18.83
C GLY A 66 -6.06 -43.68 -19.88
N GLY A 67 -5.42 -43.52 -21.03
CA GLY A 67 -5.94 -42.67 -22.09
C GLY A 67 -5.61 -41.22 -21.80
N MET A 68 -6.50 -40.55 -21.06
CA MET A 68 -6.32 -39.16 -20.62
C MET A 68 -6.49 -39.00 -19.09
N SER A 69 -6.94 -40.08 -18.39
CA SER A 69 -7.19 -40.18 -16.94
C SER A 69 -5.97 -40.81 -16.19
N TYR A 70 -6.03 -40.90 -14.84
CA TYR A 70 -4.92 -41.44 -14.06
C TYR A 70 -5.41 -42.55 -13.13
N TYR A 71 -4.64 -43.66 -12.99
CA TYR A 71 -4.99 -44.84 -12.18
C TYR A 71 -3.78 -45.47 -11.52
N CYS A 72 -3.97 -46.19 -10.42
CA CYS A 72 -2.87 -46.88 -9.75
C CYS A 72 -2.55 -48.23 -10.45
N LYS A 73 -1.61 -49.02 -9.87
CA LYS A 73 -1.25 -50.33 -10.42
C LYS A 73 -2.44 -51.33 -10.35
N SER A 74 -3.35 -51.17 -9.35
CA SER A 74 -4.55 -52.02 -9.13
C SER A 74 -5.74 -51.62 -10.00
N HIS A 75 -5.79 -50.35 -10.47
CA HIS A 75 -6.93 -49.86 -11.24
C HIS A 75 -6.62 -49.47 -12.67
N LYS A 76 -5.35 -49.49 -13.09
CA LYS A 76 -4.99 -49.08 -14.45
C LYS A 76 -5.58 -49.97 -15.55
N PRO A 77 -5.89 -49.41 -16.74
CA PRO A 77 -6.38 -50.26 -17.84
C PRO A 77 -5.23 -51.04 -18.51
N PRO A 78 -5.50 -52.06 -19.35
CA PRO A 78 -4.37 -52.80 -19.98
C PRO A 78 -3.37 -51.88 -20.69
N ILE A 79 -3.86 -50.88 -21.44
CA ILE A 79 -2.98 -49.95 -22.14
C ILE A 79 -2.84 -48.65 -21.33
N SER A 80 -1.75 -48.59 -20.52
CA SER A 80 -1.40 -47.45 -19.70
C SER A 80 0.12 -47.29 -19.55
N PHE A 81 0.52 -46.04 -19.41
CA PHE A 81 1.91 -45.65 -19.26
C PHE A 81 2.16 -45.15 -17.87
N PRO A 82 3.24 -45.59 -17.18
CA PRO A 82 3.53 -44.99 -15.86
C PRO A 82 3.86 -43.50 -15.98
N LEU A 83 3.37 -42.68 -15.03
CA LEU A 83 3.64 -41.23 -15.06
C LEU A 83 5.16 -40.97 -14.92
N CYS A 84 5.90 -41.88 -14.23
CA CYS A 84 7.35 -41.79 -14.05
C CYS A 84 8.12 -42.78 -14.91
N ALA A 85 8.73 -42.29 -15.99
CA ALA A 85 9.50 -43.14 -16.91
C ALA A 85 10.54 -42.31 -17.63
N ASN A 86 11.71 -42.91 -17.90
CA ASN A 86 12.81 -42.26 -18.62
C ASN A 86 13.16 -40.86 -18.07
N GLY A 87 13.24 -40.77 -16.75
CA GLY A 87 13.61 -39.57 -16.02
C GLY A 87 12.62 -38.44 -16.10
N GLN A 88 11.33 -38.73 -16.36
CA GLN A 88 10.30 -37.71 -16.49
C GLN A 88 8.99 -38.05 -15.80
N VAL A 89 8.19 -37.02 -15.47
CA VAL A 89 6.82 -37.11 -14.95
C VAL A 89 5.97 -36.58 -16.07
N PHE A 90 5.02 -37.38 -16.56
CA PHE A 90 4.19 -36.99 -17.68
C PHE A 90 3.45 -35.65 -17.47
N GLY A 91 3.53 -34.80 -18.46
CA GLY A 91 2.88 -33.51 -18.48
C GLY A 91 3.03 -32.83 -19.82
N LEU A 92 2.45 -31.65 -19.97
CA LEU A 92 2.54 -30.89 -21.21
C LEU A 92 3.95 -30.31 -21.39
N TYR A 93 4.31 -30.02 -22.64
CA TYR A 93 5.57 -29.36 -23.05
C TYR A 93 6.86 -30.11 -22.66
N LYS A 94 6.83 -31.47 -22.70
CA LYS A 94 7.97 -32.34 -22.38
C LYS A 94 9.18 -32.17 -23.33
N VAL A 103 19.56 -29.42 -8.69
CA VAL A 103 18.29 -30.07 -8.33
C VAL A 103 18.37 -30.80 -6.99
N THR A 104 19.52 -31.45 -6.65
CA THR A 104 19.79 -32.02 -5.32
C THR A 104 19.63 -30.90 -4.23
N ASP A 105 20.00 -29.66 -4.59
CA ASP A 105 19.88 -28.48 -3.76
C ASP A 105 18.39 -28.06 -3.59
N PHE A 106 17.60 -28.16 -4.66
CA PHE A 106 16.17 -27.86 -4.59
C PHE A 106 15.48 -28.85 -3.65
N ASN A 107 15.89 -30.13 -3.69
CA ASN A 107 15.32 -31.17 -2.84
C ASN A 107 15.55 -30.88 -1.36
N ALA A 108 16.76 -30.37 -1.05
CA ALA A 108 17.12 -30.05 0.32
C ALA A 108 16.37 -28.83 0.86
N ILE A 109 16.17 -27.79 0.02
CA ILE A 109 15.43 -26.56 0.39
C ILE A 109 13.91 -26.88 0.58
N ALA A 110 13.36 -27.70 -0.34
CA ALA A 110 11.94 -28.06 -0.32
C ALA A 110 11.56 -28.96 0.86
N THR A 111 12.52 -29.72 1.43
CA THR A 111 12.21 -30.68 2.50
C THR A 111 12.73 -30.31 3.91
N CYS A 112 13.68 -29.38 4.01
CA CYS A 112 14.23 -29.00 5.29
C CYS A 112 13.24 -28.30 6.26
N ASP A 113 13.50 -28.40 7.58
CA ASP A 113 12.66 -27.75 8.57
C ASP A 113 13.13 -26.33 8.94
N TRP A 114 14.29 -25.87 8.40
CA TRP A 114 14.89 -24.55 8.64
C TRP A 114 15.38 -24.35 10.09
N THR A 115 15.66 -25.43 10.80
CA THR A 115 16.16 -25.34 12.18
C THR A 115 17.70 -25.49 12.22
N ASN A 116 18.35 -25.89 11.12
CA ASN A 116 19.80 -26.09 11.00
C ASN A 116 20.42 -24.95 10.21
N ALA A 117 21.69 -24.66 10.49
CA ALA A 117 22.38 -23.59 9.79
C ALA A 117 22.68 -23.98 8.32
N GLY A 118 22.96 -25.25 8.08
CA GLY A 118 23.21 -25.77 6.75
C GLY A 118 22.08 -25.53 5.75
N ASP A 119 20.85 -25.28 6.28
CA ASP A 119 19.64 -24.96 5.51
C ASP A 119 19.75 -23.54 4.92
N TYR A 120 20.22 -22.59 5.75
CA TYR A 120 20.43 -21.20 5.39
C TYR A 120 21.68 -21.06 4.50
N ILE A 121 22.72 -21.92 4.73
CA ILE A 121 23.94 -21.94 3.92
C ILE A 121 23.59 -22.28 2.49
N LEU A 122 22.75 -23.29 2.33
CA LEU A 122 22.28 -23.73 1.04
C LEU A 122 21.38 -22.69 0.38
N ALA A 123 20.46 -22.06 1.15
CA ALA A 123 19.57 -21.00 0.65
C ALA A 123 20.32 -19.79 0.02
N ASN A 124 21.64 -19.71 0.26
CA ASN A 124 22.49 -18.62 -0.23
C ASN A 124 23.56 -19.05 -1.22
N THR A 125 23.93 -20.34 -1.20
CA THR A 125 24.90 -20.86 -2.15
C THR A 125 24.23 -21.39 -3.44
N CYS A 126 22.90 -21.58 -3.43
CA CYS A 126 22.16 -22.08 -4.57
C CYS A 126 22.08 -21.07 -5.77
N THR A 127 21.41 -21.44 -6.87
CA THR A 127 21.20 -20.55 -8.00
C THR A 127 20.28 -19.39 -7.55
N GLU A 128 20.12 -18.39 -8.41
CA GLU A 128 19.27 -17.25 -8.10
C GLU A 128 17.76 -17.59 -7.93
N ARG A 129 17.15 -18.33 -8.88
CA ARG A 129 15.75 -18.72 -8.72
C ARG A 129 15.52 -19.56 -7.44
N LEU A 130 16.50 -20.44 -7.08
CA LEU A 130 16.42 -21.25 -5.86
C LEU A 130 16.60 -20.43 -4.57
N LYS A 131 17.27 -19.29 -4.66
CA LYS A 131 17.41 -18.37 -3.55
C LYS A 131 16.01 -17.79 -3.24
N LEU A 132 15.18 -17.49 -4.28
CA LEU A 132 13.82 -16.96 -4.09
C LEU A 132 12.89 -18.03 -3.57
N PHE A 133 13.05 -19.29 -4.04
CA PHE A 133 12.26 -20.43 -3.59
C PHE A 133 12.57 -20.69 -2.13
N ALA A 134 13.89 -20.66 -1.76
CA ALA A 134 14.34 -20.85 -0.39
C ALA A 134 13.79 -19.75 0.52
N ALA A 135 13.80 -18.50 0.03
CA ALA A 135 13.29 -17.34 0.77
C ALA A 135 11.78 -17.36 1.03
N GLU A 136 11.00 -17.85 0.03
CA GLU A 136 9.54 -17.96 0.12
C GLU A 136 9.16 -19.06 1.12
N THR A 137 9.78 -20.27 0.96
CA THR A 137 9.61 -21.51 1.71
C THR A 137 9.98 -21.26 3.20
N LEU A 138 11.09 -20.53 3.44
CA LEU A 138 11.55 -20.21 4.77
C LEU A 138 10.54 -19.30 5.42
N LYS A 139 10.15 -18.21 4.73
CA LYS A 139 9.24 -17.25 5.32
C LYS A 139 7.86 -17.83 5.59
N ALA A 140 7.37 -18.72 4.70
CA ALA A 140 6.09 -19.37 4.90
C ALA A 140 6.21 -20.37 6.05
N THR A 141 7.36 -21.07 6.20
CA THR A 141 7.58 -21.98 7.33
C THR A 141 7.66 -21.20 8.66
N GLU A 142 8.22 -19.97 8.64
CA GLU A 142 8.30 -19.12 9.82
C GLU A 142 6.90 -18.66 10.27
N GLU A 143 5.96 -18.45 9.32
CA GLU A 143 4.59 -18.02 9.63
C GLU A 143 3.70 -19.18 10.06
N THR A 144 3.79 -20.36 9.37
CA THR A 144 3.03 -21.54 9.80
C THR A 144 3.45 -21.97 11.24
N PHE A 145 4.70 -21.66 11.61
CA PHE A 145 5.20 -21.94 12.93
C PHE A 145 4.51 -21.06 13.99
N LYS A 146 3.95 -19.90 13.59
CA LYS A 146 3.22 -19.00 14.48
C LYS A 146 1.89 -19.59 14.95
N LEU A 147 1.31 -20.50 14.18
CA LEU A 147 0.06 -21.16 14.58
C LEU A 147 0.28 -22.11 15.80
N SER A 148 1.56 -22.44 16.11
CA SER A 148 2.01 -23.35 17.17
C SER A 148 1.94 -22.81 18.61
N TYR A 149 2.22 -21.52 18.83
CA TYR A 149 2.21 -20.94 20.19
C TYR A 149 0.78 -20.83 20.83
N GLY A 150 0.71 -20.54 22.14
CA GLY A 150 -0.55 -20.40 22.88
C GLY A 150 -1.03 -18.97 23.09
N ILE A 151 -2.36 -18.77 23.08
CA ILE A 151 -3.08 -17.49 23.26
C ILE A 151 -2.98 -17.00 24.72
N ALA A 152 -2.81 -15.69 24.94
CA ALA A 152 -2.74 -15.12 26.29
C ALA A 152 -4.02 -14.30 26.55
N THR A 153 -4.80 -14.69 27.58
CA THR A 153 -6.05 -14.01 27.92
C THR A 153 -5.87 -13.18 29.22
N VAL A 154 -6.35 -11.91 29.26
CA VAL A 154 -6.16 -11.04 30.43
C VAL A 154 -6.94 -11.50 31.66
N ARG A 155 -6.24 -11.66 32.78
CA ARG A 155 -6.85 -12.03 34.04
C ARG A 155 -7.07 -10.75 34.85
N GLU A 156 -6.03 -9.87 34.95
CA GLU A 156 -6.14 -8.60 35.68
C GLU A 156 -5.25 -7.46 35.10
N VAL A 157 -5.77 -6.22 35.10
CA VAL A 157 -5.04 -5.05 34.63
C VAL A 157 -4.51 -4.34 35.87
N LEU A 158 -3.20 -4.37 36.10
CA LEU A 158 -2.61 -3.70 37.26
C LEU A 158 -2.62 -2.16 37.07
N SER A 159 -2.00 -1.70 35.98
CA SER A 159 -1.88 -0.28 35.71
C SER A 159 -1.83 -0.03 34.16
N ASP A 160 -1.35 1.16 33.73
CA ASP A 160 -1.18 1.56 32.33
C ASP A 160 0.06 0.93 31.65
N ARG A 161 0.97 0.36 32.45
CA ARG A 161 2.16 -0.28 31.93
C ARG A 161 2.42 -1.66 32.54
N GLU A 162 1.39 -2.31 33.13
CA GLU A 162 1.54 -3.65 33.72
C GLU A 162 0.21 -4.45 33.83
N LEU A 163 0.27 -5.77 33.59
CA LEU A 163 -0.89 -6.67 33.70
C LEU A 163 -0.48 -8.14 34.02
N HIS A 164 -1.47 -8.96 34.43
CA HIS A 164 -1.33 -10.38 34.73
C HIS A 164 -2.11 -11.18 33.65
N LEU A 165 -1.53 -12.26 33.09
CA LEU A 165 -2.17 -13.04 32.02
C LEU A 165 -2.32 -14.55 32.27
N SER A 166 -3.34 -15.14 31.62
CA SER A 166 -3.65 -16.57 31.63
C SER A 166 -3.18 -17.13 30.26
N TRP A 167 -2.51 -18.28 30.26
CA TRP A 167 -1.96 -18.86 29.03
C TRP A 167 -2.63 -20.14 28.59
N GLU A 168 -2.71 -20.35 27.26
CA GLU A 168 -3.33 -21.55 26.68
C GLU A 168 -2.53 -22.80 27.01
N VAL A 169 -3.23 -23.84 27.47
CA VAL A 169 -2.66 -25.14 27.83
C VAL A 169 -2.46 -25.98 26.55
N GLY A 170 -1.36 -26.73 26.49
CA GLY A 170 -1.07 -27.56 25.33
C GLY A 170 -0.22 -26.92 24.26
N LYS A 171 -0.27 -25.58 24.15
CA LYS A 171 0.53 -24.82 23.18
C LYS A 171 1.58 -23.99 23.95
N PRO A 172 2.86 -24.05 23.55
CA PRO A 172 3.91 -23.35 24.32
C PRO A 172 3.81 -21.84 24.37
N ARG A 173 4.52 -21.25 25.35
CA ARG A 173 4.53 -19.79 25.56
C ARG A 173 5.72 -19.18 24.84
N PRO A 174 5.50 -18.09 24.10
CA PRO A 174 6.60 -17.46 23.35
C PRO A 174 7.48 -16.52 24.17
N PRO A 175 8.74 -16.30 23.72
CA PRO A 175 9.66 -15.42 24.48
C PRO A 175 9.12 -14.03 24.74
N LEU A 176 9.09 -13.63 26.02
CA LEU A 176 8.61 -12.30 26.40
C LEU A 176 9.70 -11.23 26.28
N ASN A 177 9.89 -10.73 25.07
CA ASN A 177 10.83 -9.66 24.72
C ASN A 177 10.19 -8.71 23.67
N ARG A 178 10.79 -7.54 23.40
CA ARG A 178 10.24 -6.60 22.42
C ARG A 178 10.32 -7.12 20.94
N ASN A 179 11.07 -8.22 20.71
CA ASN A 179 11.25 -8.83 19.38
C ASN A 179 9.93 -9.44 18.85
N TYR A 180 9.20 -10.19 19.71
CA TYR A 180 7.93 -10.89 19.39
C TYR A 180 6.70 -9.95 19.52
N VAL A 181 6.39 -9.11 18.50
CA VAL A 181 5.25 -8.19 18.58
C VAL A 181 3.92 -8.92 18.39
N PHE A 182 3.18 -9.06 19.49
CA PHE A 182 1.88 -9.71 19.47
C PHE A 182 0.84 -8.83 18.82
N THR A 183 -0.21 -9.43 18.26
CA THR A 183 -1.32 -8.68 17.67
C THR A 183 -2.56 -9.02 18.51
N GLY A 184 -3.12 -8.01 19.18
CA GLY A 184 -4.25 -8.21 20.07
C GLY A 184 -5.60 -7.82 19.51
N TYR A 185 -6.68 -8.32 20.17
CA TYR A 185 -8.10 -8.14 19.81
C TYR A 185 -9.03 -7.92 21.04
N GLN A 194 -9.77 -5.89 17.97
CA GLN A 194 -8.75 -5.45 17.00
C GLN A 194 -7.94 -4.24 17.50
N ILE A 195 -7.69 -4.20 18.84
CA ILE A 195 -7.04 -3.15 19.66
C ILE A 195 -5.58 -2.78 19.32
N GLY A 196 -5.03 -3.31 18.23
CA GLY A 196 -3.66 -2.97 17.83
C GLY A 196 -2.60 -3.92 18.35
N GLU A 197 -1.37 -3.73 17.89
CA GLU A 197 -0.27 -4.58 18.27
C GLU A 197 0.19 -4.28 19.71
N TYR A 198 0.61 -5.30 20.45
CA TYR A 198 1.03 -5.15 21.83
C TYR A 198 2.32 -5.94 22.11
N THR A 199 3.27 -5.36 22.88
CA THR A 199 4.56 -5.99 23.26
C THR A 199 4.66 -6.24 24.80
N PHE A 200 5.56 -7.17 25.27
CA PHE A 200 5.69 -7.52 26.70
C PHE A 200 7.13 -7.73 27.23
N GLU A 201 7.33 -7.61 28.58
CA GLU A 201 8.59 -7.84 29.32
C GLU A 201 8.24 -8.34 30.74
N LYS A 202 8.96 -9.36 31.28
CA LYS A 202 8.68 -9.87 32.64
C LYS A 202 9.01 -8.88 33.77
N ASP A 207 5.05 -12.36 39.19
CA ASP A 207 4.10 -12.57 38.10
C ASP A 207 3.61 -11.24 37.48
N ALA A 208 4.34 -10.14 37.65
CA ALA A 208 3.91 -8.84 37.09
C ALA A 208 4.50 -8.57 35.71
N VAL A 209 3.79 -8.98 34.63
CA VAL A 209 4.28 -8.76 33.27
C VAL A 209 3.98 -7.33 32.79
N VAL A 210 5.02 -6.67 32.33
CA VAL A 210 4.99 -5.30 31.83
C VAL A 210 4.42 -5.30 30.39
N TYR A 211 3.28 -4.60 30.16
CA TYR A 211 2.66 -4.53 28.82
C TYR A 211 2.91 -3.19 28.13
N ARG A 212 3.19 -3.21 26.82
CA ARG A 212 3.46 -1.99 26.06
C ARG A 212 2.89 -2.10 24.64
N GLY A 213 1.69 -1.57 24.46
CA GLY A 213 1.03 -1.62 23.16
C GLY A 213 1.34 -0.45 22.27
N THR A 214 1.40 -0.72 20.97
CA THR A 214 1.62 0.29 19.92
C THR A 214 0.49 1.36 20.00
N THR A 215 -0.73 0.92 20.35
CA THR A 215 -1.93 1.74 20.54
C THR A 215 -2.24 1.78 22.06
N THR A 216 -2.56 2.97 22.62
CA THR A 216 -2.83 3.06 24.07
C THR A 216 -4.32 2.89 24.38
N TYR A 217 -4.70 1.66 24.67
CA TYR A 217 -6.06 1.32 25.00
C TYR A 217 -6.10 0.70 26.39
N LYS A 218 -7.10 1.10 27.19
CA LYS A 218 -7.32 0.62 28.56
C LYS A 218 -7.82 -0.82 28.44
N LEU A 219 -6.87 -1.77 28.31
CA LEU A 219 -7.09 -3.20 28.10
C LEU A 219 -8.22 -3.79 28.94
N ASN A 220 -9.19 -4.43 28.28
CA ASN A 220 -10.31 -5.04 28.98
C ASN A 220 -9.91 -6.44 29.45
N VAL A 221 -10.33 -6.83 30.66
CA VAL A 221 -10.05 -8.18 31.17
C VAL A 221 -10.89 -9.18 30.34
N GLY A 222 -10.27 -10.27 29.94
CA GLY A 222 -10.91 -11.24 29.07
C GLY A 222 -10.44 -11.10 27.63
N ASP A 223 -9.85 -9.94 27.28
CA ASP A 223 -9.29 -9.72 25.95
C ASP A 223 -8.10 -10.65 25.75
N TYR A 224 -7.78 -10.94 24.50
CA TYR A 224 -6.70 -11.86 24.18
C TYR A 224 -5.73 -11.30 23.12
N PHE A 225 -4.45 -11.66 23.22
CA PHE A 225 -3.45 -11.26 22.24
C PHE A 225 -2.92 -12.53 21.58
N VAL A 226 -2.84 -12.56 20.24
CA VAL A 226 -2.30 -13.69 19.47
C VAL A 226 -1.20 -13.19 18.49
N LEU A 227 -0.15 -13.99 18.21
CA LEU A 227 0.98 -13.53 17.38
C LEU A 227 0.65 -13.29 15.90
N THR A 228 1.39 -12.34 15.31
CA THR A 228 1.27 -11.83 13.95
C THR A 228 1.50 -12.87 12.82
N SER A 229 0.47 -13.66 12.51
CA SER A 229 0.54 -14.67 11.44
C SER A 229 0.21 -14.04 10.06
N HIS A 230 1.23 -13.50 9.36
CA HIS A 230 1.04 -12.88 8.04
C HIS A 230 1.25 -13.85 6.86
N THR A 231 0.60 -13.58 5.72
CA THR A 231 0.69 -14.42 4.51
C THR A 231 1.90 -14.03 3.67
N VAL A 232 2.68 -15.03 3.25
CA VAL A 232 3.90 -14.82 2.47
C VAL A 232 3.58 -14.70 1.03
N MET A 233 3.88 -13.54 0.46
CA MET A 233 3.67 -13.31 -0.96
C MET A 233 4.81 -13.94 -1.75
N PRO A 234 4.54 -14.37 -2.99
CA PRO A 234 5.60 -14.93 -3.80
C PRO A 234 6.64 -13.88 -4.21
N LEU A 235 7.86 -14.37 -4.47
CA LEU A 235 8.98 -13.56 -4.88
C LEU A 235 9.14 -13.71 -6.37
N SER A 236 9.30 -12.57 -7.05
CA SER A 236 9.45 -12.52 -8.51
C SER A 236 10.84 -12.03 -8.94
N ALA A 237 11.26 -10.87 -8.41
CA ALA A 237 12.53 -10.23 -8.71
C ALA A 237 13.75 -10.89 -8.01
N PRO A 238 14.97 -10.87 -8.60
CA PRO A 238 16.12 -11.48 -7.90
C PRO A 238 16.55 -10.72 -6.64
N THR A 239 17.38 -11.37 -5.79
CA THR A 239 17.96 -10.75 -4.59
C THR A 239 18.87 -9.60 -5.02
N LEU A 240 19.64 -9.84 -6.09
CA LEU A 240 20.56 -8.95 -6.75
C LEU A 240 20.27 -8.97 -8.23
N VAL A 241 20.16 -7.80 -8.85
CA VAL A 241 19.99 -7.75 -10.29
C VAL A 241 21.34 -8.19 -10.95
N PRO A 242 21.37 -8.59 -12.23
CA PRO A 242 22.66 -8.96 -12.84
C PRO A 242 23.55 -7.72 -12.90
N GLN A 243 24.82 -7.90 -12.56
CA GLN A 243 25.75 -6.76 -12.54
C GLN A 243 26.08 -6.20 -13.94
N GLU A 244 26.12 -4.86 -14.03
CA GLU A 244 26.50 -4.13 -15.23
C GLU A 244 27.63 -3.19 -14.85
N HIS A 245 28.61 -3.10 -15.72
CA HIS A 245 29.72 -2.20 -15.52
C HIS A 245 29.73 -1.24 -16.68
N TYR A 246 29.77 0.06 -16.39
CA TYR A 246 29.73 1.09 -17.42
C TYR A 246 31.08 1.79 -17.57
N VAL A 247 31.32 2.43 -18.74
CA VAL A 247 32.57 3.15 -19.03
C VAL A 247 32.52 4.62 -18.53
N ARG A 248 31.33 5.16 -18.33
CA ARG A 248 31.14 6.49 -17.78
C ARG A 248 30.02 6.42 -16.74
N ILE A 249 29.82 7.52 -15.99
CA ILE A 249 28.70 7.62 -15.04
C ILE A 249 27.41 7.63 -15.87
N THR A 250 26.50 6.73 -15.56
CA THR A 250 25.29 6.49 -16.32
C THR A 250 24.02 7.04 -15.65
N GLY A 251 23.26 7.86 -16.38
CA GLY A 251 22.00 8.44 -15.91
C GLY A 251 22.07 9.38 -14.72
N LEU A 252 23.26 9.59 -14.22
CA LEU A 252 23.49 10.46 -13.09
C LEU A 252 24.35 11.61 -13.52
N TYR A 253 24.15 12.76 -12.87
CA TYR A 253 24.88 13.97 -13.24
C TYR A 253 25.64 14.58 -12.02
N PRO A 254 26.99 14.45 -12.03
CA PRO A 254 27.79 14.95 -10.88
C PRO A 254 27.84 16.46 -10.69
N THR A 255 28.23 16.92 -9.49
CA THR A 255 28.47 18.35 -9.24
C THR A 255 29.98 18.58 -9.38
N LEU A 256 30.36 19.83 -9.52
CA LEU A 256 31.76 20.24 -9.51
C LEU A 256 32.06 21.03 -8.23
N ASN A 257 31.04 21.76 -7.73
CA ASN A 257 30.98 22.48 -6.49
C ASN A 257 30.58 21.36 -5.54
N ILE A 258 31.56 20.61 -5.01
CA ILE A 258 31.29 19.51 -4.07
C ILE A 258 31.96 19.76 -2.72
N SER A 259 31.13 20.03 -1.67
CA SER A 259 31.50 20.32 -0.26
C SER A 259 32.68 19.46 0.20
N ASP A 260 33.75 20.11 0.70
CA ASP A 260 34.97 19.41 1.17
C ASP A 260 34.68 18.26 2.16
N GLU A 261 33.54 18.36 2.85
CA GLU A 261 32.96 17.41 3.78
C GLU A 261 32.90 16.02 3.11
N PHE A 262 32.47 16.01 1.82
CA PHE A 262 32.22 14.82 1.00
C PHE A 262 33.24 14.52 -0.06
N SER A 263 34.35 15.28 -0.10
CA SER A 263 35.46 15.10 -1.02
C SER A 263 36.13 13.74 -0.86
N SER A 264 36.12 13.18 0.36
CA SER A 264 36.74 11.88 0.62
C SER A 264 36.00 10.72 -0.08
N ASN A 265 34.69 10.92 -0.39
CA ASN A 265 33.86 9.89 -1.02
C ASN A 265 33.62 10.10 -2.51
N VAL A 266 34.21 11.14 -3.14
CA VAL A 266 34.00 11.47 -4.57
C VAL A 266 34.33 10.31 -5.51
N ALA A 267 35.49 9.64 -5.28
CA ALA A 267 35.92 8.51 -6.10
C ALA A 267 34.93 7.34 -5.99
N ASN A 268 34.43 7.07 -4.77
CA ASN A 268 33.47 5.99 -4.52
C ASN A 268 32.07 6.33 -5.08
N TYR A 269 31.67 7.62 -5.09
CA TYR A 269 30.38 8.05 -5.67
C TYR A 269 30.39 7.86 -7.18
N GLN A 270 31.55 8.10 -7.81
CA GLN A 270 31.75 7.93 -9.24
C GLN A 270 31.69 6.47 -9.59
N LYS A 271 32.30 5.58 -8.78
CA LYS A 271 32.21 4.13 -8.96
C LYS A 271 30.73 3.69 -8.89
N VAL A 272 29.89 4.35 -8.02
CA VAL A 272 28.44 4.13 -7.89
C VAL A 272 27.67 4.41 -9.24
N GLY A 273 28.07 5.44 -9.98
CA GLY A 273 27.49 5.77 -11.28
C GLY A 273 28.00 4.90 -12.43
N MET A 274 29.09 4.16 -12.20
CA MET A 274 29.70 3.32 -13.22
C MET A 274 29.49 1.84 -13.08
N GLN A 275 28.52 1.44 -12.24
CA GLN A 275 28.13 0.06 -11.94
C GLN A 275 26.61 0.02 -11.70
N LYS A 276 25.93 -1.12 -12.00
CA LYS A 276 24.50 -1.25 -11.73
C LYS A 276 24.28 -1.24 -10.21
N TYR A 277 24.99 -2.11 -9.47
CA TYR A 277 24.95 -2.13 -8.02
C TYR A 277 26.37 -2.03 -7.45
N SER A 278 26.47 -1.56 -6.22
CA SER A 278 27.77 -1.43 -5.54
C SER A 278 27.60 -1.71 -4.04
N THR A 279 28.60 -2.39 -3.45
CA THR A 279 28.58 -2.72 -2.03
C THR A 279 29.57 -1.83 -1.23
N LEU A 280 29.10 -1.30 -0.11
CA LEU A 280 29.94 -0.50 0.77
C LEU A 280 29.99 -1.16 2.17
N GLN A 281 31.17 -1.65 2.58
CA GLN A 281 31.32 -2.20 3.93
C GLN A 281 31.82 -1.05 4.80
N GLY A 282 31.03 -0.69 5.78
CA GLY A 282 31.37 0.40 6.68
C GLY A 282 31.27 -0.03 8.13
N PRO A 283 32.41 -0.36 8.76
CA PRO A 283 32.43 -0.70 10.18
C PRO A 283 31.81 0.41 11.05
N PRO A 284 31.58 0.16 12.35
CA PRO A 284 30.96 1.21 13.18
C PRO A 284 31.68 2.58 13.12
N GLY A 285 30.91 3.64 12.90
CA GLY A 285 31.43 5.01 12.91
C GLY A 285 32.39 5.43 11.82
N THR A 286 32.41 4.68 10.71
CA THR A 286 33.27 4.98 9.56
C THR A 286 32.62 5.94 8.52
N GLY A 287 31.41 6.40 8.78
CA GLY A 287 30.74 7.37 7.93
C GLY A 287 29.76 6.84 6.90
N LYS A 288 29.00 5.75 7.21
CA LYS A 288 28.00 5.17 6.30
C LYS A 288 26.82 6.14 6.00
N SER A 289 26.24 6.75 7.06
CA SER A 289 25.15 7.70 6.91
C SER A 289 25.60 8.88 6.05
N HIS A 290 26.79 9.38 6.35
CA HIS A 290 27.45 10.51 5.70
C HIS A 290 27.65 10.17 4.22
N PHE A 291 28.17 8.97 3.94
CA PHE A 291 28.36 8.51 2.57
C PHE A 291 27.01 8.52 1.80
N ALA A 292 25.97 7.87 2.35
CA ALA A 292 24.63 7.84 1.77
C ALA A 292 24.05 9.26 1.44
N ILE A 293 24.07 10.22 2.39
CA ILE A 293 23.50 11.56 2.13
C ILE A 293 24.40 12.39 1.18
N GLY A 294 25.70 12.16 1.22
CA GLY A 294 26.64 12.82 0.32
C GLY A 294 26.53 12.42 -1.13
N LEU A 295 26.04 11.23 -1.34
CA LEU A 295 25.78 10.72 -2.67
C LEU A 295 24.67 11.57 -3.34
N ALA A 296 23.70 12.09 -2.54
CA ALA A 296 22.62 12.98 -2.96
C ALA A 296 23.17 14.35 -3.33
N LEU A 297 24.18 14.82 -2.60
CA LEU A 297 24.82 16.09 -2.92
C LEU A 297 25.77 15.97 -4.12
N TYR A 298 26.29 14.77 -4.38
CA TYR A 298 27.15 14.54 -5.52
C TYR A 298 26.33 14.46 -6.82
N TYR A 299 25.19 13.79 -6.80
CA TYR A 299 24.28 13.74 -7.95
C TYR A 299 23.05 14.50 -7.49
N PRO A 300 23.05 15.85 -7.59
CA PRO A 300 21.98 16.64 -6.97
C PRO A 300 20.62 16.61 -7.66
N SER A 301 20.60 16.22 -8.93
CA SER A 301 19.38 16.09 -9.74
C SER A 301 18.72 14.70 -9.55
N ALA A 302 19.53 13.68 -9.20
CA ALA A 302 19.12 12.29 -8.98
C ALA A 302 18.05 12.10 -7.90
N ARG A 303 17.03 11.32 -8.22
CA ARG A 303 15.96 10.98 -7.30
C ARG A 303 16.43 9.73 -6.51
N ILE A 304 16.55 9.84 -5.17
CA ILE A 304 17.06 8.73 -4.37
C ILE A 304 16.05 8.18 -3.39
N VAL A 305 15.90 6.86 -3.42
CA VAL A 305 15.05 6.18 -2.47
C VAL A 305 15.98 5.56 -1.43
N TYR A 306 15.85 5.99 -0.18
CA TYR A 306 16.58 5.49 0.97
C TYR A 306 15.68 4.45 1.64
N THR A 307 16.21 3.25 1.77
CA THR A 307 15.46 2.14 2.35
C THR A 307 16.35 1.35 3.33
N ALA A 308 15.69 0.65 4.26
CA ALA A 308 16.24 -0.28 5.25
C ALA A 308 15.08 -1.11 5.86
N CYS A 309 15.39 -2.27 6.49
CA CYS A 309 14.35 -3.10 7.09
C CYS A 309 13.67 -2.44 8.31
N SER A 310 14.46 -1.86 9.24
CA SER A 310 13.86 -1.26 10.43
C SER A 310 13.49 0.22 10.29
N HIS A 311 12.50 0.65 11.09
CA HIS A 311 12.12 2.05 11.14
C HIS A 311 13.26 2.87 11.71
N ALA A 312 14.03 2.32 12.68
CA ALA A 312 15.19 3.01 13.24
C ALA A 312 16.28 3.28 12.21
N ALA A 313 16.58 2.30 11.33
CA ALA A 313 17.60 2.49 10.31
C ALA A 313 17.17 3.54 9.29
N VAL A 314 15.88 3.54 8.90
CA VAL A 314 15.34 4.52 7.98
C VAL A 314 15.37 5.93 8.62
N ASP A 315 15.00 6.01 9.92
CA ASP A 315 14.99 7.25 10.75
C ASP A 315 16.40 7.85 10.93
N ALA A 316 17.42 7.01 11.12
CA ALA A 316 18.81 7.44 11.21
C ALA A 316 19.23 8.15 9.90
N LEU A 317 18.81 7.59 8.74
CA LEU A 317 19.10 8.20 7.43
C LEU A 317 18.38 9.56 7.26
N CYS A 318 17.17 9.68 7.84
CA CYS A 318 16.35 10.89 7.85
C CYS A 318 17.07 12.01 8.66
N GLU A 319 17.69 11.66 9.81
CA GLU A 319 18.40 12.65 10.63
C GLU A 319 19.55 13.25 9.89
N LYS A 320 20.28 12.42 9.11
CA LYS A 320 21.43 12.87 8.32
C LYS A 320 20.95 13.74 7.15
N ALA A 321 19.83 13.38 6.51
CA ALA A 321 19.27 14.14 5.39
C ALA A 321 18.74 15.50 5.86
N LEU A 322 18.16 15.55 7.05
CA LEU A 322 17.64 16.80 7.61
C LEU A 322 18.75 17.89 7.71
N LYS A 323 19.97 17.45 8.01
CA LYS A 323 21.16 18.28 8.15
C LYS A 323 21.73 18.79 6.81
N TYR A 324 21.67 17.97 5.73
CA TYR A 324 22.31 18.33 4.45
C TYR A 324 21.39 18.57 3.24
N LEU A 325 20.23 17.94 3.23
CA LEU A 325 19.31 17.98 2.09
C LEU A 325 18.07 18.85 2.36
N PRO A 326 17.55 19.51 1.31
CA PRO A 326 16.36 20.38 1.48
C PRO A 326 15.17 19.61 2.04
N ILE A 327 14.63 20.03 3.20
CA ILE A 327 13.49 19.36 3.85
C ILE A 327 12.21 19.25 2.96
N ASP A 328 12.06 20.12 1.92
CA ASP A 328 10.92 20.07 1.03
C ASP A 328 10.99 18.91 0.06
N LYS A 329 12.19 18.59 -0.43
CA LYS A 329 12.37 17.48 -1.34
C LYS A 329 12.45 16.12 -0.63
N CYS A 330 12.21 16.08 0.69
CA CYS A 330 12.21 14.83 1.42
C CYS A 330 10.81 14.41 1.84
N SER A 331 10.61 13.10 1.90
CA SER A 331 9.38 12.54 2.40
C SER A 331 9.64 11.24 3.13
N ARG A 332 8.95 11.04 4.25
CA ARG A 332 9.05 9.82 5.04
C ARG A 332 7.77 8.98 4.80
N ILE A 333 7.89 7.80 4.14
CA ILE A 333 6.75 6.91 3.86
C ILE A 333 6.46 6.05 5.10
N ILE A 334 5.24 6.16 5.64
CA ILE A 334 4.81 5.44 6.82
C ILE A 334 3.58 4.63 6.48
N PRO A 335 3.60 3.31 6.74
CA PRO A 335 2.41 2.49 6.44
C PRO A 335 1.29 2.71 7.46
N ALA A 336 0.05 2.44 7.02
CA ALA A 336 -1.17 2.61 7.81
C ALA A 336 -1.14 1.84 9.15
N ARG A 337 -0.68 0.58 9.16
CA ARG A 337 -0.61 -0.19 10.41
C ARG A 337 0.69 0.21 11.13
N ALA A 338 0.72 1.45 11.66
CA ALA A 338 1.84 2.08 12.35
C ALA A 338 2.13 1.41 13.70
N ARG A 339 3.22 0.64 13.75
CA ARG A 339 3.68 -0.17 14.88
C ARG A 339 4.57 0.64 15.83
N VAL A 340 5.44 1.49 15.28
CA VAL A 340 6.31 2.34 16.10
C VAL A 340 6.25 3.79 15.63
N GLU A 341 6.61 4.72 16.53
CA GLU A 341 6.68 6.16 16.23
C GLU A 341 7.90 6.37 15.32
N CYS A 342 7.74 7.16 14.23
CA CYS A 342 8.79 7.44 13.22
C CYS A 342 9.22 8.90 13.16
N PHE A 343 10.11 9.19 12.19
CA PHE A 343 10.62 10.50 11.87
C PHE A 343 9.47 11.39 11.47
N ASP A 344 9.36 12.57 12.13
CA ASP A 344 8.26 13.53 11.98
C ASP A 344 8.55 14.85 11.24
N LYS A 345 9.79 15.10 10.76
CA LYS A 345 10.12 16.38 10.12
C LYS A 345 9.85 16.47 8.60
N PHE A 346 9.80 15.34 7.86
CA PHE A 346 9.52 15.41 6.41
C PHE A 346 8.01 15.30 6.15
N LYS A 347 7.55 15.72 4.94
CA LYS A 347 6.15 15.53 4.55
C LYS A 347 5.89 14.01 4.48
N VAL A 348 4.80 13.54 5.11
CA VAL A 348 4.51 12.09 5.17
C VAL A 348 3.72 11.54 3.97
N ASN A 349 4.19 10.39 3.45
CA ASN A 349 3.61 9.57 2.38
C ASN A 349 3.59 10.23 0.97
N SER A 350 4.45 11.25 0.75
CA SER A 350 4.55 11.87 -0.56
C SER A 350 5.57 11.06 -1.37
N THR A 351 5.09 10.09 -2.15
CA THR A 351 5.91 9.20 -2.96
C THR A 351 6.73 9.93 -4.05
N LEU A 352 6.26 11.08 -4.49
CA LEU A 352 6.88 11.83 -5.57
C LEU A 352 8.03 12.76 -5.18
N GLU A 353 8.24 13.05 -3.86
CA GLU A 353 9.34 13.95 -3.45
C GLU A 353 10.71 13.38 -3.90
N GLN A 354 11.68 14.23 -4.23
CA GLN A 354 12.98 13.78 -4.74
C GLN A 354 13.71 12.74 -3.86
N TYR A 355 13.55 12.85 -2.55
CA TYR A 355 14.16 11.97 -1.57
C TYR A 355 13.08 11.25 -0.77
N VAL A 356 13.05 9.92 -0.89
CA VAL A 356 12.04 9.12 -0.22
C VAL A 356 12.67 8.14 0.76
N PHE A 357 12.27 8.21 2.02
CA PHE A 357 12.81 7.39 3.10
C PHE A 357 11.70 6.46 3.55
N CYS A 358 11.89 5.16 3.41
CA CYS A 358 10.85 4.18 3.66
C CYS A 358 11.42 2.81 4.02
N THR A 359 10.73 2.04 4.89
CA THR A 359 11.18 0.68 5.21
C THR A 359 10.84 -0.28 4.04
N VAL A 360 11.61 -1.37 3.83
CA VAL A 360 11.39 -2.37 2.77
C VAL A 360 9.92 -2.79 2.59
N ASN A 361 9.25 -3.28 3.69
CA ASN A 361 7.86 -3.77 3.68
C ASN A 361 6.78 -2.73 3.34
N ALA A 362 7.11 -1.40 3.38
CA ALA A 362 6.19 -0.31 3.06
C ALA A 362 6.52 0.39 1.72
N LEU A 363 7.54 -0.10 0.97
CA LEU A 363 7.96 0.52 -0.27
C LEU A 363 6.85 0.54 -1.28
N PRO A 364 6.59 1.72 -1.88
CA PRO A 364 5.59 1.77 -2.95
C PRO A 364 6.18 1.22 -4.27
N GLU A 365 5.32 1.09 -5.29
CA GLU A 365 5.76 0.61 -6.60
C GLU A 365 6.21 1.84 -7.38
N THR A 366 7.51 2.17 -7.30
CA THR A 366 8.05 3.38 -7.91
C THR A 366 9.45 3.13 -8.56
N THR A 367 10.04 4.18 -9.15
CA THR A 367 11.36 4.12 -9.76
C THR A 367 12.28 5.19 -9.16
N ALA A 368 13.59 5.06 -9.36
CA ALA A 368 14.56 6.05 -8.84
C ALA A 368 15.86 6.04 -9.66
N ASP A 369 16.67 7.11 -9.54
CA ASP A 369 17.97 7.14 -10.22
C ASP A 369 18.99 6.33 -9.37
N ILE A 370 18.87 6.41 -8.03
CA ILE A 370 19.66 5.63 -7.08
C ILE A 370 18.72 5.11 -5.98
N VAL A 371 18.92 3.86 -5.60
CA VAL A 371 18.27 3.27 -4.45
C VAL A 371 19.44 2.99 -3.48
N VAL A 372 19.30 3.41 -2.22
CA VAL A 372 20.31 3.13 -1.21
C VAL A 372 19.63 2.19 -0.20
N PHE A 373 20.20 0.99 0.03
CA PHE A 373 19.71 0.00 1.00
C PHE A 373 20.76 -0.11 2.11
N ASP A 374 20.45 0.47 3.30
CA ASP A 374 21.31 0.53 4.50
C ASP A 374 21.05 -0.64 5.45
N GLU A 375 21.99 -0.87 6.41
CA GLU A 375 21.94 -1.94 7.43
C GLU A 375 21.71 -3.30 6.72
N ILE A 376 22.53 -3.53 5.66
CA ILE A 376 22.45 -4.68 4.76
C ILE A 376 22.68 -6.02 5.47
N SER A 377 23.36 -6.06 6.63
CA SER A 377 23.49 -7.33 7.36
C SER A 377 22.13 -7.79 7.96
N MET A 378 21.23 -6.83 8.28
CA MET A 378 19.88 -7.09 8.79
C MET A 378 18.88 -7.54 7.71
N ALA A 379 19.22 -7.42 6.44
CA ALA A 379 18.35 -7.82 5.35
C ALA A 379 18.39 -9.34 5.14
N THR A 380 17.26 -9.91 4.73
CA THR A 380 17.15 -11.31 4.34
C THR A 380 17.05 -11.35 2.80
N ASN A 381 17.16 -12.53 2.20
CA ASN A 381 16.99 -12.64 0.74
C ASN A 381 15.54 -12.28 0.31
N TYR A 382 14.56 -12.47 1.22
CA TYR A 382 13.18 -12.10 1.01
C TYR A 382 13.11 -10.57 0.79
N ASP A 383 13.77 -9.79 1.68
CA ASP A 383 13.87 -8.32 1.62
C ASP A 383 14.62 -7.80 0.38
N LEU A 384 15.73 -8.47 0.00
CA LEU A 384 16.53 -8.12 -1.17
C LEU A 384 15.66 -8.22 -2.44
N SER A 385 14.91 -9.32 -2.56
CA SER A 385 14.04 -9.58 -3.69
C SER A 385 12.90 -8.55 -3.76
N VAL A 386 12.29 -8.22 -2.59
CA VAL A 386 11.19 -7.25 -2.46
C VAL A 386 11.63 -5.88 -2.93
N VAL A 387 12.85 -5.47 -2.58
CA VAL A 387 13.36 -4.18 -3.02
C VAL A 387 13.52 -4.15 -4.53
N ASN A 388 14.06 -5.23 -5.13
CA ASN A 388 14.19 -5.31 -6.58
C ASN A 388 12.83 -5.36 -7.31
N ALA A 389 11.78 -5.84 -6.62
CA ALA A 389 10.44 -5.92 -7.15
C ALA A 389 9.65 -4.59 -7.07
N ARG A 390 9.77 -3.84 -5.95
CA ARG A 390 9.04 -2.58 -5.74
C ARG A 390 9.75 -1.32 -6.29
N LEU A 391 11.06 -1.41 -6.49
CA LEU A 391 11.84 -0.31 -6.99
C LEU A 391 12.64 -0.65 -8.26
N ARG A 392 12.45 0.14 -9.33
CA ARG A 392 13.21 -0.05 -10.56
C ARG A 392 14.15 1.14 -10.72
N ALA A 393 15.46 0.94 -10.42
CA ALA A 393 16.46 2.00 -10.40
C ALA A 393 17.63 1.84 -11.39
N LYS A 394 18.28 2.96 -11.73
CA LYS A 394 19.47 2.98 -12.59
C LYS A 394 20.66 2.41 -11.82
N HIS A 395 20.76 2.76 -10.50
CA HIS A 395 21.82 2.31 -9.59
C HIS A 395 21.29 1.86 -8.23
N TYR A 396 21.87 0.78 -7.71
CA TYR A 396 21.53 0.23 -6.40
C TYR A 396 22.78 0.28 -5.52
N VAL A 397 22.65 0.73 -4.27
CA VAL A 397 23.80 0.82 -3.36
C VAL A 397 23.50 0.12 -2.04
N TYR A 398 24.28 -0.90 -1.71
CA TYR A 398 24.10 -1.68 -0.48
C TYR A 398 25.14 -1.29 0.54
N ILE A 399 24.70 -0.60 1.58
CA ILE A 399 25.56 -0.14 2.67
C ILE A 399 25.27 -0.98 3.95
N GLY A 400 26.33 -1.40 4.62
CA GLY A 400 26.22 -2.18 5.84
C GLY A 400 27.54 -2.75 6.24
N ASP A 401 27.51 -3.85 7.00
CA ASP A 401 28.73 -4.47 7.48
C ASP A 401 28.45 -5.91 7.86
N PRO A 402 29.06 -6.88 7.14
CA PRO A 402 28.84 -8.29 7.48
C PRO A 402 29.40 -8.71 8.84
N ALA A 403 30.17 -7.85 9.50
CA ALA A 403 30.70 -8.05 10.85
C ALA A 403 29.74 -7.55 11.96
N GLN A 404 28.57 -7.06 11.57
CA GLN A 404 27.53 -6.62 12.47
C GLN A 404 26.37 -7.65 12.49
N LEU A 405 25.36 -7.43 13.34
CA LEU A 405 24.28 -8.38 13.53
C LEU A 405 23.31 -8.58 12.34
N PRO A 406 22.98 -9.87 12.07
CA PRO A 406 22.01 -10.18 11.02
C PRO A 406 20.56 -10.18 11.58
N ALA A 407 19.58 -10.39 10.68
CA ALA A 407 18.20 -10.50 11.11
C ALA A 407 18.04 -11.79 11.96
N PRO A 408 17.20 -11.75 13.00
CA PRO A 408 16.96 -12.98 13.77
C PRO A 408 16.25 -14.05 12.94
N ARG A 409 16.76 -15.27 13.01
CA ARG A 409 16.20 -16.40 12.30
C ARG A 409 15.51 -17.25 13.37
N THR A 410 14.22 -16.99 13.60
CA THR A 410 13.43 -17.63 14.66
C THR A 410 13.35 -19.15 14.62
N LEU A 411 13.51 -19.79 13.44
CA LEU A 411 13.45 -21.24 13.37
C LEU A 411 14.79 -21.90 13.64
N LEU A 412 15.91 -21.21 13.37
CA LEU A 412 17.28 -21.73 13.54
C LEU A 412 17.70 -21.91 14.98
N THR A 413 17.94 -23.18 15.37
CA THR A 413 18.36 -23.59 16.71
C THR A 413 19.67 -24.37 16.68
N LYS A 414 19.95 -25.08 15.59
CA LYS A 414 21.14 -25.92 15.44
C LYS A 414 22.20 -25.35 14.48
N GLY A 415 23.30 -24.87 15.05
CA GLY A 415 24.39 -24.31 14.28
C GLY A 415 24.38 -22.82 14.33
N THR A 416 25.51 -22.23 13.94
CA THR A 416 25.65 -20.77 13.90
C THR A 416 25.72 -20.28 12.45
N LEU A 417 25.00 -19.20 12.14
CA LEU A 417 24.97 -18.61 10.80
C LEU A 417 26.12 -17.65 10.55
N GLU A 418 27.04 -17.99 9.62
CA GLU A 418 28.19 -17.13 9.31
C GLU A 418 27.82 -15.90 8.43
N PRO A 419 28.54 -14.76 8.57
CA PRO A 419 28.24 -13.55 7.75
C PRO A 419 28.08 -13.72 6.22
N GLU A 420 28.87 -14.60 5.59
CA GLU A 420 28.73 -14.87 4.16
C GLU A 420 27.42 -15.59 3.79
N TYR A 421 26.54 -15.81 4.78
CA TYR A 421 25.29 -16.46 4.57
C TYR A 421 24.09 -15.60 5.08
N PHE A 422 24.30 -14.31 5.45
CA PHE A 422 23.19 -13.49 5.92
C PHE A 422 22.25 -13.22 4.76
N ASN A 423 22.81 -12.82 3.62
CA ASN A 423 22.05 -12.53 2.40
C ASN A 423 23.04 -12.49 1.24
N SER A 424 22.53 -12.33 0.01
CA SER A 424 23.35 -12.28 -1.21
C SER A 424 24.41 -11.18 -1.18
N VAL A 425 24.10 -10.03 -0.55
CA VAL A 425 25.02 -8.91 -0.47
C VAL A 425 26.17 -9.21 0.48
N CYS A 426 25.86 -9.79 1.65
CA CYS A 426 26.88 -10.18 2.63
C CYS A 426 27.71 -11.31 2.11
N ARG A 427 27.12 -12.24 1.33
CA ARG A 427 27.86 -13.31 0.69
C ARG A 427 28.91 -12.70 -0.27
N LEU A 428 28.51 -11.71 -1.09
CA LEU A 428 29.43 -11.02 -1.98
C LEU A 428 30.53 -10.30 -1.19
N MET A 429 30.18 -9.55 -0.12
CA MET A 429 31.14 -8.80 0.69
C MET A 429 32.17 -9.65 1.42
N LYS A 430 31.82 -10.88 1.74
CA LYS A 430 32.71 -11.78 2.46
C LYS A 430 33.55 -12.68 1.54
N THR A 431 33.11 -12.86 0.28
CA THR A 431 33.83 -13.71 -0.68
C THR A 431 34.72 -12.87 -1.64
N ILE A 432 34.08 -12.10 -2.54
CA ILE A 432 34.79 -11.23 -3.50
C ILE A 432 35.23 -9.87 -2.86
N GLY A 433 34.77 -9.60 -1.63
CA GLY A 433 35.04 -8.35 -0.95
C GLY A 433 34.09 -7.26 -1.38
N PRO A 434 33.96 -6.20 -0.56
CA PRO A 434 33.08 -5.09 -0.95
C PRO A 434 33.74 -4.17 -2.01
N ASP A 435 32.91 -3.49 -2.79
CA ASP A 435 33.40 -2.57 -3.81
C ASP A 435 34.09 -1.38 -3.12
N MET A 436 33.49 -0.93 -2.01
CA MET A 436 33.98 0.22 -1.25
C MET A 436 34.08 -0.17 0.24
N PHE A 437 35.14 0.28 0.95
CA PHE A 437 35.37 0.02 2.38
C PHE A 437 35.69 1.33 3.10
N LEU A 438 34.82 1.77 4.04
CA LEU A 438 35.11 2.97 4.83
C LEU A 438 36.07 2.46 5.94
N GLY A 439 37.32 2.84 5.84
CA GLY A 439 38.36 2.28 6.69
C GLY A 439 38.75 3.02 7.94
N THR A 440 38.19 4.23 8.19
CA THR A 440 38.56 4.99 9.38
C THR A 440 37.40 5.23 10.33
N CYS A 441 37.47 4.62 11.53
CA CYS A 441 36.50 4.79 12.60
C CYS A 441 36.69 6.15 13.29
N ARG A 442 35.69 7.03 13.21
CA ARG A 442 35.70 8.36 13.79
C ARG A 442 35.07 8.39 15.21
N ARG A 443 34.38 7.32 15.63
CA ARG A 443 33.64 7.29 16.88
C ARG A 443 34.37 6.77 18.08
N CYS A 444 35.06 5.63 17.95
CA CYS A 444 35.55 4.91 19.10
C CYS A 444 36.94 5.26 19.55
N PRO A 445 37.16 5.13 20.90
CA PRO A 445 38.54 5.27 21.42
C PRO A 445 39.42 4.17 20.80
N ALA A 446 40.69 4.46 20.51
CA ALA A 446 41.58 3.48 19.88
C ALA A 446 41.57 2.07 20.49
N GLU A 447 41.41 1.92 21.82
CA GLU A 447 41.33 0.59 22.45
C GLU A 447 40.24 -0.30 21.83
N ILE A 448 39.05 0.27 21.58
CA ILE A 448 37.93 -0.41 20.96
C ILE A 448 38.20 -0.67 19.46
N VAL A 449 38.69 0.35 18.71
CA VAL A 449 39.02 0.21 17.28
C VAL A 449 40.09 -0.91 17.02
N ASP A 450 41.17 -0.98 17.84
CA ASP A 450 42.25 -1.95 17.70
C ASP A 450 41.77 -3.38 17.98
N THR A 451 40.83 -3.52 18.93
CA THR A 451 40.23 -4.80 19.32
C THR A 451 39.32 -5.37 18.24
N VAL A 452 38.38 -4.55 17.68
CA VAL A 452 37.45 -4.98 16.64
C VAL A 452 38.13 -5.12 15.27
N SER A 453 39.19 -4.33 15.01
CA SER A 453 39.99 -4.41 13.78
C SER A 453 40.62 -5.80 13.72
N ALA A 454 41.22 -6.26 14.82
CA ALA A 454 41.82 -7.58 14.87
C ALA A 454 40.75 -8.68 14.96
N LEU A 455 39.66 -8.42 15.70
CA LEU A 455 38.58 -9.39 15.85
C LEU A 455 37.81 -9.74 14.57
N VAL A 456 37.29 -8.72 13.83
CA VAL A 456 36.43 -8.96 12.66
C VAL A 456 36.82 -8.27 11.35
N TYR A 457 37.73 -7.27 11.37
CA TYR A 457 38.04 -6.54 10.13
C TYR A 457 39.41 -6.80 9.52
N ASP A 458 40.10 -7.88 9.94
CA ASP A 458 41.41 -8.29 9.44
C ASP A 458 42.47 -7.18 9.50
N ASN A 459 42.50 -6.44 10.61
CA ASN A 459 43.41 -5.35 10.90
C ASN A 459 43.34 -4.19 9.90
N LYS A 460 42.20 -4.05 9.17
CA LYS A 460 42.02 -2.97 8.18
C LYS A 460 41.25 -1.76 8.71
N LEU A 461 40.71 -1.84 9.95
CA LEU A 461 39.99 -0.72 10.52
C LEU A 461 40.99 0.11 11.30
N LYS A 462 41.13 1.38 10.92
CA LYS A 462 42.06 2.30 11.56
C LYS A 462 41.36 3.24 12.56
N ALA A 463 42.06 3.64 13.65
CA ALA A 463 41.46 4.52 14.66
C ALA A 463 41.76 5.95 14.33
N HIS A 464 40.76 6.83 14.40
CA HIS A 464 40.95 8.26 14.19
C HIS A 464 41.18 8.93 15.56
N LYS A 465 40.45 8.50 16.61
CA LYS A 465 40.63 9.02 17.96
C LYS A 465 41.86 8.37 18.57
N ASP A 466 42.44 9.02 19.60
CA ASP A 466 43.52 8.41 20.36
C ASP A 466 42.85 7.42 21.38
N LYS A 467 43.68 6.67 22.14
CA LYS A 467 43.17 5.83 23.22
C LYS A 467 42.53 6.78 24.27
N SER A 468 41.29 6.52 24.67
CA SER A 468 40.59 7.38 25.63
C SER A 468 41.09 7.19 27.07
N ALA A 469 41.69 6.00 27.35
CA ALA A 469 42.10 5.52 28.68
C ALA A 469 40.91 5.32 29.63
N GLN A 470 39.70 5.20 29.05
CA GLN A 470 38.46 4.95 29.76
C GLN A 470 37.84 3.62 29.30
N CYS A 471 38.65 2.66 28.81
CA CYS A 471 38.16 1.37 28.36
C CYS A 471 38.75 0.33 29.27
N PHE A 472 37.87 -0.33 30.04
CA PHE A 472 38.14 -1.29 31.10
C PHE A 472 37.51 -2.63 30.85
N LYS A 473 38.16 -3.67 31.35
CA LYS A 473 37.69 -5.04 31.25
C LYS A 473 37.86 -5.73 32.61
N MET A 474 36.85 -6.50 33.02
CA MET A 474 36.91 -7.19 34.29
C MET A 474 36.46 -8.58 34.08
N PHE A 475 37.27 -9.55 34.50
CA PHE A 475 36.91 -10.95 34.31
C PHE A 475 36.12 -11.37 35.57
N TYR A 476 34.82 -11.55 35.43
CA TYR A 476 33.94 -11.90 36.56
C TYR A 476 32.77 -12.81 36.10
N LYS A 477 32.88 -14.13 36.36
CA LYS A 477 31.84 -15.06 35.91
C LYS A 477 30.49 -14.92 36.69
N GLY A 478 30.55 -14.53 37.97
CA GLY A 478 29.38 -14.32 38.81
C GLY A 478 28.47 -15.54 38.95
N VAL A 479 27.14 -15.31 38.86
CA VAL A 479 26.12 -16.36 39.01
C VAL A 479 25.09 -16.17 37.94
N ILE A 480 24.76 -17.25 37.22
CA ILE A 480 23.82 -17.20 36.12
C ILE A 480 22.50 -17.80 36.47
N THR A 481 21.48 -16.98 36.48
CA THR A 481 20.10 -17.38 36.73
C THR A 481 19.34 -17.25 35.37
N HIS A 482 18.19 -17.91 35.20
CA HIS A 482 17.44 -17.79 33.96
C HIS A 482 15.96 -17.50 34.16
N ASP A 483 15.44 -16.42 33.51
CA ASP A 483 14.01 -16.10 33.48
C ASP A 483 13.57 -16.79 32.20
N VAL A 484 13.17 -18.08 32.33
CA VAL A 484 12.80 -18.95 31.21
C VAL A 484 14.09 -19.32 30.42
N SER A 485 14.62 -18.40 29.58
CA SER A 485 15.86 -18.60 28.82
C SER A 485 16.70 -17.30 28.69
N SER A 486 16.08 -16.12 28.90
CA SER A 486 16.82 -14.87 28.92
C SER A 486 17.56 -14.90 30.29
N ALA A 487 18.90 -14.90 30.22
CA ALA A 487 19.80 -15.02 31.36
C ALA A 487 19.99 -13.74 32.15
N ILE A 488 20.27 -13.89 33.45
CA ILE A 488 20.55 -12.84 34.42
C ILE A 488 21.85 -13.18 35.18
N ASN A 489 22.63 -12.17 35.52
CA ASN A 489 23.86 -12.25 36.30
C ASN A 489 23.89 -11.06 37.27
N ARG A 490 23.16 -11.20 38.38
CA ARG A 490 23.07 -10.22 39.47
C ARG A 490 24.45 -9.86 40.02
N PRO A 491 25.38 -10.82 40.28
CA PRO A 491 26.75 -10.42 40.68
C PRO A 491 27.49 -9.47 39.69
N GLN A 492 27.26 -9.62 38.36
CA GLN A 492 27.85 -8.72 37.37
C GLN A 492 27.24 -7.32 37.46
N ILE A 493 25.91 -7.22 37.75
CA ILE A 493 25.21 -5.94 37.98
C ILE A 493 25.71 -5.27 39.30
N GLY A 494 26.03 -6.09 40.30
CA GLY A 494 26.58 -5.67 41.59
C GLY A 494 27.99 -5.12 41.47
N VAL A 495 28.79 -5.75 40.62
CA VAL A 495 30.14 -5.29 40.28
C VAL A 495 30.03 -3.87 39.57
N VAL A 496 29.03 -3.68 38.70
CA VAL A 496 28.79 -2.42 38.00
C VAL A 496 28.38 -1.33 38.99
N ARG A 497 27.50 -1.69 39.94
CA ARG A 497 27.01 -0.80 41.00
C ARG A 497 28.19 -0.30 41.86
N GLU A 498 29.09 -1.22 42.22
CA GLU A 498 30.30 -0.92 42.99
C GLU A 498 31.23 -0.01 42.20
N PHE A 499 31.38 -0.25 40.88
CA PHE A 499 32.18 0.59 39.99
C PHE A 499 31.61 2.02 39.89
N LEU A 500 30.28 2.16 39.75
CA LEU A 500 29.60 3.45 39.63
C LEU A 500 29.76 4.35 40.83
N THR A 501 29.82 3.77 42.06
CA THR A 501 30.01 4.55 43.29
C THR A 501 31.37 5.28 43.22
N ARG A 502 32.41 4.56 42.74
CA ARG A 502 33.79 4.98 42.54
C ARG A 502 34.03 5.73 41.21
N ASN A 503 33.05 5.77 40.32
CA ASN A 503 33.18 6.41 39.01
C ASN A 503 31.91 7.17 38.60
N PRO A 504 31.60 8.28 39.31
CA PRO A 504 30.35 9.03 39.02
C PRO A 504 30.23 9.58 37.61
N ALA A 505 31.33 9.81 36.90
CA ALA A 505 31.24 10.24 35.49
C ALA A 505 30.49 9.18 34.62
N TRP A 506 30.51 7.93 35.07
CA TRP A 506 29.85 6.81 34.43
C TRP A 506 28.36 6.71 34.76
N ARG A 507 27.81 7.71 35.53
CA ARG A 507 26.39 7.89 35.89
C ARG A 507 25.53 8.09 34.63
N LYS A 508 26.13 8.70 33.60
CA LYS A 508 25.50 9.00 32.33
C LYS A 508 25.70 7.86 31.29
N ALA A 509 26.18 6.65 31.71
CA ALA A 509 26.41 5.52 30.80
C ALA A 509 25.14 4.73 30.45
N VAL A 510 25.12 4.13 29.25
CA VAL A 510 24.05 3.24 28.80
C VAL A 510 24.49 1.83 29.14
N PHE A 511 23.63 1.06 29.81
CA PHE A 511 23.89 -0.34 30.17
C PHE A 511 23.50 -1.26 28.98
N ILE A 512 24.43 -2.10 28.51
CA ILE A 512 24.21 -3.06 27.42
C ILE A 512 24.50 -4.50 27.86
N SER A 513 23.72 -5.46 27.37
CA SER A 513 23.92 -6.89 27.64
C SER A 513 23.28 -7.71 26.54
N PRO A 514 23.69 -8.96 26.35
CA PRO A 514 23.04 -9.81 25.32
C PRO A 514 21.63 -10.31 25.68
N TYR A 515 21.13 -10.01 26.89
CA TYR A 515 19.82 -10.51 27.35
C TYR A 515 18.94 -9.42 27.91
N ASN A 516 17.66 -9.43 27.53
CA ASN A 516 16.69 -8.45 28.02
C ASN A 516 16.40 -8.65 29.52
N SER A 517 16.46 -9.91 30.02
CA SER A 517 16.22 -10.15 31.44
C SER A 517 17.30 -9.54 32.30
N GLN A 518 18.56 -9.60 31.84
CA GLN A 518 19.68 -8.98 32.53
C GLN A 518 19.46 -7.44 32.60
N ASN A 519 19.06 -6.84 31.48
CA ASN A 519 18.75 -5.44 31.27
C ASN A 519 17.61 -4.97 32.19
N ALA A 520 16.60 -5.81 32.44
CA ALA A 520 15.45 -5.50 33.31
C ALA A 520 15.91 -5.42 34.76
N VAL A 521 16.77 -6.37 35.17
CA VAL A 521 17.36 -6.40 36.51
C VAL A 521 18.31 -5.18 36.71
N ALA A 522 19.15 -4.88 35.71
CA ALA A 522 20.10 -3.76 35.74
C ALA A 522 19.40 -2.42 35.74
N SER A 523 18.23 -2.31 35.09
CA SER A 523 17.49 -1.06 35.07
C SER A 523 16.92 -0.77 36.46
N LYS A 524 16.47 -1.80 37.19
CA LYS A 524 15.92 -1.60 38.53
C LYS A 524 17.05 -1.25 39.52
N ILE A 525 18.14 -2.04 39.53
CA ILE A 525 19.27 -1.84 40.44
C ILE A 525 20.15 -0.59 40.13
N LEU A 526 20.60 -0.44 38.87
CA LEU A 526 21.49 0.66 38.47
C LEU A 526 20.75 1.93 38.05
N GLY A 527 19.54 1.77 37.54
CA GLY A 527 18.76 2.88 37.03
C GLY A 527 19.30 3.49 35.75
N LEU A 528 20.31 2.83 35.12
CA LEU A 528 20.92 3.30 33.86
C LEU A 528 19.98 2.97 32.72
N PRO A 529 20.01 3.77 31.61
CA PRO A 529 19.24 3.37 30.41
C PRO A 529 19.77 2.03 29.88
N THR A 530 18.87 1.24 29.30
CA THR A 530 19.11 -0.14 28.91
C THR A 530 18.90 -0.39 27.44
N GLN A 531 19.70 -1.31 26.88
CA GLN A 531 19.66 -1.68 25.47
C GLN A 531 20.24 -3.05 25.34
N THR A 532 19.62 -3.96 24.58
CA THR A 532 20.27 -5.25 24.28
C THR A 532 21.35 -4.92 23.23
N VAL A 533 22.31 -5.84 22.99
CA VAL A 533 23.32 -5.59 21.95
C VAL A 533 22.66 -5.37 20.58
N ASP A 534 21.62 -6.18 20.28
CA ASP A 534 20.86 -6.14 19.03
C ASP A 534 20.10 -4.86 18.82
N SER A 535 19.50 -4.28 19.87
CA SER A 535 18.82 -3.00 19.72
C SER A 535 19.79 -1.77 19.79
N SER A 536 21.04 -1.98 20.26
CA SER A 536 22.02 -0.90 20.33
C SER A 536 22.66 -0.61 18.97
N GLN A 537 22.67 -1.61 18.04
CA GLN A 537 23.24 -1.52 16.69
C GLN A 537 22.70 -0.30 15.97
N GLY A 538 23.61 0.51 15.44
CA GLY A 538 23.29 1.76 14.76
C GLY A 538 23.46 2.99 15.63
N SER A 539 23.25 2.83 16.96
CA SER A 539 23.36 3.94 17.94
C SER A 539 24.77 4.09 18.57
N GLU A 540 25.03 5.28 19.14
CA GLU A 540 26.30 5.58 19.81
C GLU A 540 26.03 6.32 21.11
N TYR A 541 26.86 6.06 22.11
CA TYR A 541 26.77 6.62 23.46
C TYR A 541 28.18 6.93 23.96
N ASP A 542 28.34 8.02 24.72
CA ASP A 542 29.64 8.40 25.28
C ASP A 542 30.20 7.26 26.15
N TYR A 543 29.39 6.77 27.10
CA TYR A 543 29.82 5.70 27.98
C TYR A 543 28.93 4.52 27.86
N VAL A 544 29.54 3.33 27.88
CA VAL A 544 28.83 2.08 27.75
C VAL A 544 29.25 1.15 28.86
N ILE A 545 28.30 0.53 29.54
CA ILE A 545 28.61 -0.49 30.54
C ILE A 545 28.04 -1.78 29.98
N PHE A 546 28.91 -2.75 29.69
CA PHE A 546 28.50 -4.01 29.10
C PHE A 546 28.74 -5.21 30.02
N THR A 547 27.67 -5.96 30.40
CA THR A 547 27.87 -7.19 31.18
C THR A 547 27.61 -8.34 30.21
N GLN A 548 28.58 -9.23 29.98
CA GLN A 548 28.41 -10.34 29.05
C GLN A 548 27.35 -11.35 29.48
N THR A 549 27.00 -11.36 30.80
CA THR A 549 25.96 -12.18 31.47
C THR A 549 26.29 -13.70 31.56
N THR A 550 26.56 -14.36 30.41
CA THR A 550 26.88 -15.79 30.28
C THR A 550 28.04 -15.99 29.24
N GLU A 551 28.59 -17.21 29.15
CA GLU A 551 29.55 -17.54 28.11
C GLU A 551 28.92 -18.56 27.19
N THR A 552 27.70 -18.23 26.70
CA THR A 552 26.97 -19.04 25.74
C THR A 552 27.44 -18.70 24.31
N ALA A 553 26.95 -19.41 23.27
CA ALA A 553 27.30 -19.10 21.89
C ALA A 553 26.71 -17.72 21.44
N HIS A 554 25.57 -17.33 22.05
CA HIS A 554 24.89 -16.05 21.81
C HIS A 554 25.72 -14.87 22.30
N SER A 555 26.15 -14.92 23.58
CA SER A 555 26.92 -13.80 24.13
C SER A 555 28.39 -13.81 23.70
N CYS A 556 28.90 -14.95 23.18
CA CYS A 556 30.26 -15.02 22.67
C CYS A 556 30.34 -14.76 21.17
N ASN A 557 29.18 -14.54 20.48
CA ASN A 557 29.15 -14.28 19.04
C ASN A 557 29.99 -13.04 18.76
N VAL A 558 30.99 -13.16 17.84
CA VAL A 558 31.89 -12.04 17.54
C VAL A 558 31.19 -10.86 16.88
N ASN A 559 30.10 -11.07 16.11
CA ASN A 559 29.39 -9.94 15.48
C ASN A 559 28.67 -9.14 16.55
N ARG A 560 28.05 -9.83 17.53
CA ARG A 560 27.34 -9.21 18.65
C ARG A 560 28.41 -8.50 19.54
N PHE A 561 29.56 -9.16 19.78
CA PHE A 561 30.66 -8.58 20.56
C PHE A 561 31.20 -7.28 19.96
N ASN A 562 31.41 -7.29 18.64
CA ASN A 562 31.85 -6.20 17.83
C ASN A 562 30.85 -5.05 17.96
N VAL A 563 29.52 -5.36 17.90
CA VAL A 563 28.48 -4.33 18.04
C VAL A 563 28.45 -3.77 19.47
N ALA A 564 28.49 -4.63 20.48
CA ALA A 564 28.44 -4.23 21.85
C ALA A 564 29.50 -3.17 22.23
N ILE A 565 30.77 -3.43 21.86
CA ILE A 565 31.85 -2.57 22.25
C ILE A 565 32.05 -1.35 21.31
N THR A 566 31.52 -1.39 20.06
CA THR A 566 31.68 -0.25 19.14
C THR A 566 30.57 0.81 19.30
N ARG A 567 29.74 0.71 20.36
CA ARG A 567 28.71 1.72 20.67
C ARG A 567 29.31 2.95 21.39
N ALA A 568 30.48 2.77 22.06
CA ALA A 568 31.17 3.78 22.89
C ALA A 568 32.01 4.87 22.14
N LYS A 569 31.77 6.13 22.50
CA LYS A 569 32.50 7.28 21.95
C LYS A 569 33.71 7.62 22.87
N VAL A 570 33.48 7.57 24.19
CA VAL A 570 34.50 7.91 25.17
C VAL A 570 35.03 6.73 25.99
N GLY A 571 34.15 6.04 26.71
CA GLY A 571 34.57 4.95 27.57
C GLY A 571 33.64 3.76 27.56
N ILE A 572 34.21 2.59 27.91
CA ILE A 572 33.50 1.33 28.01
C ILE A 572 34.02 0.51 29.22
N LEU A 573 33.09 -0.12 29.94
CA LEU A 573 33.41 -1.02 31.03
C LEU A 573 32.84 -2.39 30.58
N CYS A 574 33.68 -3.42 30.42
CA CYS A 574 33.20 -4.75 30.02
C CYS A 574 33.37 -5.75 31.15
N ILE A 575 32.26 -6.25 31.71
CA ILE A 575 32.34 -7.30 32.73
C ILE A 575 32.15 -8.55 31.91
N MET A 576 33.23 -9.33 31.74
CA MET A 576 33.28 -10.51 30.87
C MET A 576 33.15 -11.85 31.57
N SER A 577 32.67 -12.86 30.82
CA SER A 577 32.48 -14.24 31.28
C SER A 577 33.38 -15.20 30.46
N ASP A 578 33.60 -14.88 29.18
CA ASP A 578 34.43 -15.62 28.25
C ASP A 578 35.86 -15.15 28.36
N ARG A 579 36.79 -16.07 28.70
CA ARG A 579 38.21 -15.74 28.83
C ARG A 579 38.78 -15.35 27.49
N ASP A 580 38.38 -16.05 26.43
CA ASP A 580 38.79 -15.80 25.05
C ASP A 580 38.57 -14.31 24.64
N LEU A 581 37.31 -13.84 24.68
CA LEU A 581 36.97 -12.46 24.34
C LEU A 581 37.54 -11.46 25.36
N TYR A 582 37.70 -11.87 26.66
CA TYR A 582 38.30 -10.99 27.69
C TYR A 582 39.78 -10.69 27.32
N ASP A 583 40.52 -11.74 26.96
CA ASP A 583 41.92 -11.70 26.56
C ASP A 583 42.11 -10.95 25.24
N LYS A 584 41.09 -10.97 24.35
CA LYS A 584 41.12 -10.23 23.09
C LYS A 584 40.89 -8.74 23.31
N LEU A 585 40.15 -8.34 24.38
CA LEU A 585 39.91 -6.93 24.69
C LEU A 585 41.22 -6.19 25.02
N GLN A 586 41.58 -5.19 24.22
CA GLN A 586 42.77 -4.40 24.47
C GLN A 586 42.41 -3.19 25.31
N PHE A 587 41.87 -3.47 26.52
CA PHE A 587 41.40 -2.53 27.53
C PHE A 587 42.25 -2.66 28.80
N THR A 588 42.13 -1.68 29.71
CA THR A 588 42.81 -1.66 31.00
C THR A 588 42.08 -2.63 31.94
N SER A 589 42.77 -3.66 32.42
CA SER A 589 42.22 -4.65 33.33
C SER A 589 41.91 -4.04 34.72
N LEU A 590 40.73 -4.33 35.30
CA LEU A 590 40.36 -3.87 36.65
C LEU A 590 40.27 -5.07 37.63
N GLU A 591 40.29 -4.81 38.94
CA GLU A 591 40.13 -5.82 39.99
C GLU A 591 38.90 -5.45 40.86
N ILE A 592 38.35 -6.45 41.63
CA ILE A 592 37.24 -6.46 42.63
C ILE A 592 36.26 -7.57 42.26
N VAL B 2 13.12 16.14 -15.11
CA VAL B 2 13.23 16.27 -16.56
C VAL B 2 12.41 15.17 -17.28
N GLY B 3 11.56 15.58 -18.23
CA GLY B 3 10.63 14.70 -18.94
C GLY B 3 10.03 15.25 -20.23
N ALA B 4 8.76 14.91 -20.52
CA ALA B 4 8.08 15.33 -21.76
C ALA B 4 6.98 16.35 -21.59
N CYS B 5 6.90 17.31 -22.52
CA CYS B 5 5.91 18.40 -22.53
C CYS B 5 4.47 17.85 -22.54
N VAL B 6 3.62 18.35 -21.62
CA VAL B 6 2.23 17.90 -21.58
C VAL B 6 1.39 18.48 -22.76
N LEU B 7 1.98 19.24 -23.69
CA LEU B 7 1.25 19.79 -24.84
C LEU B 7 1.87 19.45 -26.19
N CYS B 8 3.20 19.12 -26.20
CA CYS B 8 4.04 18.84 -27.39
C CYS B 8 4.78 17.52 -27.35
N ASN B 9 4.95 16.96 -26.17
CA ASN B 9 5.82 15.83 -25.86
C ASN B 9 7.32 16.14 -26.12
N SER B 10 7.64 17.40 -26.58
CA SER B 10 9.00 17.86 -26.84
C SER B 10 9.76 17.77 -25.50
N GLN B 11 10.79 16.92 -25.42
CA GLN B 11 11.56 16.72 -24.18
C GLN B 11 12.04 18.03 -23.55
N THR B 12 11.93 18.21 -22.20
CA THR B 12 12.36 19.45 -21.53
C THR B 12 12.66 19.33 -20.06
N SER B 13 13.57 20.18 -19.55
CA SER B 13 13.87 20.26 -18.12
C SER B 13 12.87 21.20 -17.36
N LEU B 14 12.08 22.01 -18.11
CA LEU B 14 11.10 22.96 -17.56
C LEU B 14 9.78 22.32 -17.14
N ARG B 15 9.26 22.76 -15.99
CA ARG B 15 8.01 22.39 -15.35
C ARG B 15 7.37 23.68 -14.82
N CYS B 16 6.03 23.86 -14.94
CA CYS B 16 5.41 25.05 -14.36
C CYS B 16 5.30 24.95 -12.85
N GLY B 17 6.01 25.82 -12.15
CA GLY B 17 6.03 25.87 -10.69
C GLY B 17 4.76 26.41 -10.08
N ALA B 18 3.99 27.22 -10.86
CA ALA B 18 2.71 27.77 -10.39
C ALA B 18 1.52 26.79 -10.58
N CYS B 19 1.70 25.75 -11.43
CA CYS B 19 0.71 24.70 -11.58
C CYS B 19 0.84 23.81 -10.35
N ILE B 20 -0.30 23.36 -9.80
CA ILE B 20 -0.23 22.47 -8.62
C ILE B 20 0.23 21.03 -9.03
N ARG B 21 0.25 20.72 -10.35
CA ARG B 21 0.77 19.44 -10.85
C ARG B 21 2.18 19.52 -11.45
N ARG B 22 2.72 20.75 -11.60
CA ARG B 22 4.04 21.03 -12.13
C ARG B 22 4.31 20.31 -13.45
N PRO B 23 3.47 20.56 -14.47
CA PRO B 23 3.63 19.85 -15.73
C PRO B 23 4.86 20.24 -16.50
N PHE B 24 5.49 19.27 -17.18
CA PHE B 24 6.63 19.56 -18.03
C PHE B 24 6.14 20.38 -19.22
N LEU B 25 6.79 21.51 -19.46
CA LEU B 25 6.44 22.39 -20.54
C LEU B 25 7.72 22.65 -21.33
N CYS B 26 7.64 22.46 -22.64
CA CYS B 26 8.80 22.69 -23.50
C CYS B 26 9.07 24.18 -23.63
N CYS B 27 10.30 24.57 -23.98
CA CYS B 27 10.71 25.97 -24.15
C CYS B 27 9.64 26.86 -24.84
N LYS B 28 9.01 26.33 -25.92
CA LYS B 28 7.96 27.04 -26.66
C LYS B 28 6.65 27.16 -25.86
N CYS B 29 6.09 26.02 -25.36
CA CYS B 29 4.80 25.97 -24.63
C CYS B 29 4.87 26.58 -23.23
N CYS B 30 6.05 26.55 -22.63
CA CYS B 30 6.27 27.12 -21.33
C CYS B 30 6.14 28.63 -21.43
N TYR B 31 6.75 29.23 -22.46
CA TYR B 31 6.68 30.66 -22.74
C TYR B 31 5.23 31.05 -22.99
N ASP B 32 4.55 30.37 -23.94
CA ASP B 32 3.16 30.64 -24.30
C ASP B 32 2.22 30.53 -23.11
N HIS B 33 2.59 29.74 -22.08
CA HIS B 33 1.81 29.60 -20.83
C HIS B 33 2.08 30.74 -19.84
N VAL B 34 3.38 31.01 -19.50
CA VAL B 34 3.77 32.06 -18.54
C VAL B 34 3.44 33.47 -19.05
N ILE B 35 3.40 33.67 -20.37
CA ILE B 35 3.09 35.00 -20.92
C ILE B 35 1.56 35.27 -21.00
N SER B 36 0.72 34.28 -20.68
CA SER B 36 -0.74 34.44 -20.78
C SER B 36 -1.46 34.26 -19.45
N THR B 37 -0.82 33.61 -18.47
CA THR B 37 -1.45 33.35 -17.19
C THR B 37 -0.72 34.10 -16.06
N SER B 38 -1.29 34.07 -14.83
CA SER B 38 -0.63 34.57 -13.64
C SER B 38 0.59 33.68 -13.25
N HIS B 39 0.72 32.50 -13.89
CA HIS B 39 1.76 31.52 -13.66
C HIS B 39 3.08 32.02 -14.21
N LYS B 40 4.04 32.36 -13.35
CA LYS B 40 5.37 32.84 -13.79
C LYS B 40 6.53 32.10 -13.13
N LEU B 41 6.27 31.21 -12.13
CA LEU B 41 7.37 30.45 -11.54
C LEU B 41 7.70 29.29 -12.46
N VAL B 42 8.94 29.21 -12.97
CA VAL B 42 9.36 28.10 -13.84
C VAL B 42 10.36 27.23 -13.06
N LEU B 43 10.19 25.90 -13.09
CA LEU B 43 11.10 24.99 -12.40
C LEU B 43 11.94 24.18 -13.40
N SER B 44 13.20 23.91 -13.05
CA SER B 44 14.13 23.11 -13.83
C SER B 44 14.95 22.31 -12.78
N VAL B 45 16.27 22.07 -13.00
CA VAL B 45 17.21 21.46 -12.03
C VAL B 45 17.12 22.27 -10.71
N ASN B 46 17.21 23.59 -10.89
CA ASN B 46 17.07 24.59 -9.87
C ASN B 46 15.81 25.40 -10.26
N PRO B 47 15.14 26.03 -9.27
CA PRO B 47 14.02 26.90 -9.62
C PRO B 47 14.56 28.19 -10.26
N TYR B 48 13.83 28.70 -11.22
CA TYR B 48 14.21 29.92 -11.89
C TYR B 48 13.77 31.03 -10.94
N VAL B 49 14.67 31.39 -10.05
CA VAL B 49 14.48 32.40 -9.00
C VAL B 49 15.81 33.16 -8.82
N CYS B 50 15.75 34.39 -8.28
CA CYS B 50 16.99 35.15 -8.07
C CYS B 50 17.84 34.58 -6.92
N ASN B 51 19.07 34.17 -7.27
CA ASN B 51 20.05 33.59 -6.35
C ASN B 51 20.70 34.63 -5.40
N ALA B 52 20.50 35.93 -5.67
CA ALA B 52 21.06 36.98 -4.85
C ALA B 52 20.37 36.97 -3.49
N PRO B 53 21.16 37.12 -2.41
CA PRO B 53 20.59 37.03 -1.06
C PRO B 53 19.42 37.96 -0.74
N GLY B 54 18.37 37.38 -0.17
CA GLY B 54 17.18 38.11 0.24
C GLY B 54 16.42 38.76 -0.89
N CYS B 55 16.58 38.25 -2.13
CA CYS B 55 15.85 38.79 -3.25
C CYS B 55 14.71 37.88 -3.58
N ASP B 56 13.49 38.43 -3.66
CA ASP B 56 12.27 37.67 -3.91
C ASP B 56 11.77 37.68 -5.38
N VAL B 57 12.66 37.87 -6.38
CA VAL B 57 12.24 37.84 -7.78
C VAL B 57 12.12 36.40 -8.23
N THR B 58 10.88 35.94 -8.47
CA THR B 58 10.52 34.58 -8.89
C THR B 58 9.86 34.52 -10.30
N ASP B 59 9.52 35.69 -10.87
CA ASP B 59 8.90 35.78 -12.20
C ASP B 59 9.97 35.55 -13.25
N VAL B 60 9.78 34.52 -14.09
CA VAL B 60 10.70 34.12 -15.17
C VAL B 60 10.90 35.24 -16.24
N THR B 61 9.89 36.11 -16.44
CA THR B 61 9.97 37.22 -17.39
C THR B 61 10.96 38.34 -16.88
N GLN B 62 11.16 38.42 -15.54
CA GLN B 62 12.05 39.38 -14.87
C GLN B 62 13.44 38.78 -14.51
N LEU B 63 13.76 37.57 -15.01
CA LEU B 63 15.00 36.87 -14.69
C LEU B 63 15.90 36.57 -15.90
N TYR B 64 17.22 36.37 -15.61
CA TYR B 64 18.31 36.14 -16.56
C TYR B 64 19.27 35.04 -16.07
N LEU B 65 19.96 34.39 -17.00
CA LEU B 65 20.97 33.42 -16.64
C LEU B 65 22.36 34.10 -16.60
N GLY B 66 22.78 34.42 -15.38
CA GLY B 66 24.08 35.03 -15.11
C GLY B 66 25.15 34.03 -14.74
N GLY B 67 25.80 33.47 -15.75
CA GLY B 67 26.83 32.47 -15.58
C GLY B 67 26.22 31.10 -15.45
N MET B 68 25.96 30.69 -14.19
CA MET B 68 25.33 29.41 -13.89
C MET B 68 24.12 29.51 -12.95
N SER B 69 24.01 30.64 -12.25
CA SER B 69 22.94 30.98 -11.33
C SER B 69 21.99 32.03 -11.97
N TYR B 70 20.74 32.10 -11.48
CA TYR B 70 19.73 32.99 -12.04
C TYR B 70 19.59 34.23 -11.23
N TYR B 71 19.45 35.37 -11.91
CA TYR B 71 19.35 36.65 -11.23
C TYR B 71 18.32 37.56 -11.88
N CYS B 72 17.80 38.51 -11.11
CA CYS B 72 16.84 39.48 -11.64
C CYS B 72 17.58 40.62 -12.42
N LYS B 73 16.84 41.63 -12.88
CA LYS B 73 17.41 42.76 -13.60
C LYS B 73 18.34 43.60 -12.67
N SER B 74 18.06 43.61 -11.33
CA SER B 74 18.84 44.35 -10.31
C SER B 74 20.09 43.60 -9.84
N HIS B 75 20.11 42.27 -9.97
CA HIS B 75 21.21 41.46 -9.47
C HIS B 75 22.00 40.72 -10.52
N LYS B 76 21.58 40.76 -11.79
CA LYS B 76 22.30 40.03 -12.84
C LYS B 76 23.75 40.52 -13.06
N PRO B 77 24.67 39.61 -13.42
CA PRO B 77 26.04 40.04 -13.74
C PRO B 77 26.13 40.67 -15.15
N PRO B 78 27.26 41.31 -15.55
CA PRO B 78 27.34 41.89 -16.90
C PRO B 78 27.01 40.90 -18.02
N ILE B 79 27.51 39.66 -17.91
CA ILE B 79 27.24 38.64 -18.91
C ILE B 79 26.10 37.72 -18.46
N SER B 80 24.90 38.02 -19.01
CA SER B 80 23.64 37.33 -18.76
C SER B 80 22.73 37.40 -19.98
N PHE B 81 21.81 36.44 -20.10
CA PHE B 81 20.82 36.43 -21.17
C PHE B 81 19.44 36.14 -20.55
N PRO B 82 18.42 36.92 -20.93
CA PRO B 82 17.10 36.76 -20.32
C PRO B 82 16.51 35.38 -20.57
N LEU B 83 15.81 34.84 -19.55
CA LEU B 83 15.18 33.52 -19.72
C LEU B 83 14.02 33.53 -20.77
N CYS B 84 13.26 34.64 -20.88
CA CYS B 84 12.19 34.80 -21.88
C CYS B 84 12.63 35.64 -23.04
N ALA B 85 12.80 34.99 -24.18
CA ALA B 85 13.18 35.69 -25.39
C ALA B 85 12.82 34.84 -26.60
N ASN B 86 12.52 35.48 -27.74
CA ASN B 86 12.21 34.79 -29.00
C ASN B 86 11.11 33.71 -28.83
N GLY B 87 10.08 33.99 -28.02
CA GLY B 87 8.98 33.03 -27.80
C GLY B 87 9.33 31.75 -27.05
N GLN B 88 10.40 31.81 -26.25
CA GLN B 88 10.86 30.66 -25.51
C GLN B 88 11.30 31.01 -24.07
N VAL B 89 11.31 29.99 -23.20
CA VAL B 89 11.85 30.05 -21.85
C VAL B 89 13.09 29.16 -21.91
N PHE B 90 14.25 29.71 -21.55
CA PHE B 90 15.50 28.95 -21.63
C PHE B 90 15.49 27.65 -20.86
N GLY B 91 15.94 26.60 -21.52
CA GLY B 91 16.07 25.29 -20.91
C GLY B 91 16.68 24.28 -21.84
N LEU B 92 16.73 23.05 -21.39
CA LEU B 92 17.23 21.94 -22.18
C LEU B 92 16.35 21.66 -23.40
N TYR B 93 16.96 21.08 -24.43
CA TYR B 93 16.32 20.59 -25.65
C TYR B 93 15.46 21.66 -26.36
N LYS B 94 16.05 22.87 -26.57
CA LYS B 94 15.41 23.99 -27.27
C LYS B 94 15.38 23.79 -28.81
N ASN B 95 16.19 22.84 -29.33
CA ASN B 95 16.26 22.44 -30.74
C ASN B 95 15.13 21.43 -31.09
N THR B 96 14.71 20.60 -30.10
CA THR B 96 13.58 19.67 -30.27
C THR B 96 12.32 20.30 -29.64
N CYS B 97 11.91 21.44 -30.21
CA CYS B 97 10.81 22.30 -29.79
C CYS B 97 9.75 22.41 -30.91
N VAL B 98 8.46 22.14 -30.59
CA VAL B 98 7.42 22.20 -31.61
C VAL B 98 6.41 23.36 -31.39
N GLY B 99 5.83 23.42 -30.19
CA GLY B 99 4.83 24.43 -29.86
C GLY B 99 3.42 23.96 -30.11
N SER B 100 2.43 24.81 -29.79
CA SER B 100 1.00 24.58 -29.99
C SER B 100 0.38 25.92 -30.34
N ASP B 101 -0.40 25.95 -31.44
CA ASP B 101 -1.06 27.14 -32.00
C ASP B 101 -2.08 27.85 -31.07
N ASN B 102 -2.67 27.10 -30.13
CA ASN B 102 -3.64 27.62 -29.16
C ASN B 102 -3.58 26.81 -27.87
N VAL B 103 -2.61 27.11 -27.02
CA VAL B 103 -2.48 26.44 -25.72
C VAL B 103 -3.57 26.96 -24.74
N THR B 104 -4.70 27.46 -25.27
CA THR B 104 -5.77 28.13 -24.58
C THR B 104 -6.52 27.21 -23.64
N ASP B 105 -6.72 25.94 -24.05
CA ASP B 105 -7.42 24.93 -23.22
C ASP B 105 -6.53 24.50 -22.03
N PHE B 106 -5.20 24.37 -22.25
CA PHE B 106 -4.28 24.03 -21.17
C PHE B 106 -4.27 25.16 -20.11
N ASN B 107 -4.29 26.42 -20.57
CA ASN B 107 -4.27 27.57 -19.68
C ASN B 107 -5.53 27.58 -18.82
N ALA B 108 -6.70 27.20 -19.39
CA ALA B 108 -7.97 27.18 -18.66
C ALA B 108 -8.02 26.08 -17.62
N ILE B 109 -7.49 24.87 -17.95
CA ILE B 109 -7.45 23.74 -17.01
C ILE B 109 -6.48 24.02 -15.86
N ALA B 110 -5.30 24.59 -16.18
CA ALA B 110 -4.26 24.91 -15.21
C ALA B 110 -4.62 26.02 -14.23
N THR B 111 -5.57 26.92 -14.61
CA THR B 111 -5.90 28.08 -13.78
C THR B 111 -7.32 28.05 -13.15
N CYS B 112 -8.24 27.22 -13.67
CA CYS B 112 -9.62 27.15 -13.16
C CYS B 112 -9.72 26.66 -11.71
N ASP B 113 -10.80 27.06 -11.02
CA ASP B 113 -11.02 26.65 -9.63
C ASP B 113 -11.82 25.36 -9.48
N TRP B 114 -12.34 24.79 -10.61
CA TRP B 114 -13.15 23.57 -10.66
C TRP B 114 -14.51 23.71 -9.94
N THR B 115 -15.03 24.93 -9.81
CA THR B 115 -16.34 25.16 -9.19
C THR B 115 -17.45 25.33 -10.25
N ASN B 116 -17.10 25.47 -11.54
CA ASN B 116 -18.04 25.63 -12.65
C ASN B 116 -18.14 24.34 -13.44
N ALA B 117 -19.29 24.10 -14.08
CA ALA B 117 -19.48 22.88 -14.86
C ALA B 117 -18.65 22.92 -16.14
N GLY B 118 -18.49 24.13 -16.73
CA GLY B 118 -17.70 24.34 -17.94
C GLY B 118 -16.25 23.88 -17.81
N ASP B 119 -15.75 23.74 -16.55
CA ASP B 119 -14.41 23.27 -16.19
C ASP B 119 -14.31 21.76 -16.45
N TYR B 120 -15.35 21.03 -16.04
CA TYR B 120 -15.47 19.58 -16.22
C TYR B 120 -15.80 19.24 -17.69
N ILE B 121 -16.58 20.12 -18.37
CA ILE B 121 -16.94 19.95 -19.77
C ILE B 121 -15.66 20.02 -20.62
N LEU B 122 -14.78 20.98 -20.31
CA LEU B 122 -13.50 21.15 -20.98
C LEU B 122 -12.58 19.97 -20.67
N ALA B 123 -12.52 19.52 -19.40
CA ALA B 123 -11.69 18.37 -18.99
C ALA B 123 -12.02 17.07 -19.74
N ASN B 124 -13.17 17.02 -20.46
CA ASN B 124 -13.63 15.84 -21.19
C ASN B 124 -13.66 16.06 -22.71
N THR B 125 -13.74 17.32 -23.16
CA THR B 125 -13.75 17.62 -24.59
C THR B 125 -12.31 17.90 -25.12
N CYS B 126 -11.32 18.11 -24.23
CA CYS B 126 -9.93 18.39 -24.63
C CYS B 126 -9.23 17.18 -25.25
N THR B 127 -7.95 17.34 -25.58
CA THR B 127 -7.16 16.27 -26.14
C THR B 127 -6.90 15.23 -25.05
N GLU B 128 -6.57 13.99 -25.47
CA GLU B 128 -6.34 12.92 -24.52
C GLU B 128 -5.32 13.27 -23.44
N ARG B 129 -4.16 13.83 -23.83
CA ARG B 129 -3.13 14.21 -22.85
C ARG B 129 -3.60 15.33 -21.86
N LEU B 130 -4.46 16.23 -22.34
CA LEU B 130 -5.04 17.26 -21.51
C LEU B 130 -6.15 16.75 -20.61
N LYS B 131 -6.80 15.62 -20.97
CA LYS B 131 -7.81 14.94 -20.14
C LYS B 131 -7.09 14.42 -18.89
N LEU B 132 -5.83 13.89 -19.03
CA LEU B 132 -5.04 13.37 -17.90
C LEU B 132 -4.54 14.49 -17.03
N PHE B 133 -4.12 15.63 -17.63
CA PHE B 133 -3.67 16.80 -16.88
C PHE B 133 -4.84 17.38 -16.09
N ALA B 134 -6.03 17.46 -16.73
CA ALA B 134 -7.24 17.96 -16.10
C ALA B 134 -7.65 17.07 -14.92
N ALA B 135 -7.54 15.74 -15.11
CA ALA B 135 -7.85 14.75 -14.08
C ALA B 135 -6.93 14.80 -12.84
N GLU B 136 -5.61 15.04 -13.02
CA GLU B 136 -4.64 15.15 -11.90
C GLU B 136 -4.87 16.47 -11.13
N THR B 137 -5.04 17.56 -11.87
CA THR B 137 -5.22 18.92 -11.39
C THR B 137 -6.52 18.99 -10.56
N LEU B 138 -7.59 18.36 -11.07
CA LEU B 138 -8.88 18.33 -10.40
C LEU B 138 -8.75 17.53 -9.13
N LYS B 139 -8.18 16.30 -9.21
CA LYS B 139 -8.05 15.43 -8.04
C LYS B 139 -7.15 16.01 -6.98
N ALA B 140 -6.07 16.66 -7.37
CA ALA B 140 -5.19 17.29 -6.41
C ALA B 140 -5.89 18.52 -5.79
N THR B 141 -6.69 19.28 -6.57
CA THR B 141 -7.46 20.43 -6.03
C THR B 141 -8.54 19.92 -5.03
N GLU B 142 -9.12 18.74 -5.31
CA GLU B 142 -10.13 18.16 -4.44
C GLU B 142 -9.52 17.67 -3.12
N GLU B 143 -8.28 17.09 -3.13
CA GLU B 143 -7.58 16.59 -1.93
C GLU B 143 -7.15 17.73 -1.03
N THR B 144 -6.68 18.84 -1.64
CA THR B 144 -6.25 20.04 -0.89
C THR B 144 -7.44 20.76 -0.25
N PHE B 145 -8.59 20.74 -0.92
CA PHE B 145 -9.82 21.29 -0.37
C PHE B 145 -10.25 20.51 0.92
N LYS B 146 -9.90 19.22 1.02
CA LYS B 146 -10.19 18.43 2.21
C LYS B 146 -9.45 18.99 3.44
N LEU B 147 -8.19 19.51 3.24
CA LEU B 147 -7.32 20.12 4.28
C LEU B 147 -7.87 21.47 4.77
N SER B 148 -8.63 22.18 3.90
CA SER B 148 -9.26 23.47 4.20
C SER B 148 -10.25 23.37 5.34
N TYR B 149 -10.78 22.19 5.59
CA TYR B 149 -11.72 21.92 6.64
C TYR B 149 -11.06 21.85 8.03
N GLY B 150 -11.74 22.44 8.99
CA GLY B 150 -11.27 22.44 10.37
C GLY B 150 -11.44 21.09 11.06
N ILE B 151 -10.51 20.77 11.98
CA ILE B 151 -10.45 19.55 12.80
C ILE B 151 -11.57 19.57 13.84
N ALA B 152 -12.17 18.42 14.10
CA ALA B 152 -13.23 18.30 15.07
C ALA B 152 -12.76 17.44 16.23
N THR B 153 -12.78 17.98 17.45
CA THR B 153 -12.30 17.27 18.63
C THR B 153 -13.46 16.92 19.54
N VAL B 154 -13.46 15.70 20.10
CA VAL B 154 -14.44 15.21 21.06
C VAL B 154 -14.38 16.08 22.31
N ARG B 155 -15.49 16.74 22.60
CA ARG B 155 -15.61 17.63 23.75
C ARG B 155 -16.24 16.88 24.92
N GLU B 156 -17.25 16.04 24.65
CA GLU B 156 -17.95 15.32 25.69
C GLU B 156 -18.56 14.06 25.11
N VAL B 157 -18.25 12.91 25.68
CA VAL B 157 -18.80 11.62 25.23
C VAL B 157 -20.21 11.41 25.82
N LEU B 158 -21.19 12.19 25.32
CA LEU B 158 -22.60 12.22 25.76
C LEU B 158 -23.19 10.83 26.09
N SER B 159 -23.07 9.88 25.16
CA SER B 159 -23.56 8.50 25.26
C SER B 159 -22.87 7.65 24.17
N ASP B 160 -23.32 6.42 23.96
CA ASP B 160 -22.81 5.62 22.87
C ASP B 160 -23.62 6.01 21.62
N ARG B 161 -22.92 6.16 20.50
CA ARG B 161 -23.50 6.62 19.22
C ARG B 161 -23.82 8.12 19.21
N GLU B 162 -23.67 8.84 20.34
CA GLU B 162 -23.92 10.29 20.35
C GLU B 162 -22.82 11.10 21.08
N LEU B 163 -22.24 12.10 20.37
CA LEU B 163 -21.12 12.96 20.81
C LEU B 163 -21.38 14.48 20.83
N HIS B 164 -20.51 15.22 21.52
CA HIS B 164 -20.50 16.68 21.58
C HIS B 164 -19.14 17.12 20.97
N LEU B 165 -19.12 17.89 19.85
CA LEU B 165 -17.84 18.23 19.23
C LEU B 165 -17.42 19.71 19.27
N SER B 166 -16.11 19.91 19.38
CA SER B 166 -15.44 21.20 19.36
C SER B 166 -14.78 21.36 17.98
N TRP B 167 -14.90 22.54 17.37
CA TRP B 167 -14.37 22.77 16.03
C TRP B 167 -13.23 23.76 15.95
N GLU B 168 -12.32 23.55 14.99
CA GLU B 168 -11.17 24.43 14.76
C GLU B 168 -11.62 25.81 14.26
N VAL B 169 -11.08 26.88 14.86
CA VAL B 169 -11.36 28.27 14.54
C VAL B 169 -10.56 28.68 13.28
N GLY B 170 -11.17 29.47 12.41
CA GLY B 170 -10.49 29.94 11.20
C GLY B 170 -10.67 29.07 9.97
N LYS B 171 -10.95 27.77 10.18
CA LYS B 171 -11.15 26.82 9.07
C LYS B 171 -12.63 26.35 9.11
N PRO B 172 -13.34 26.39 7.96
CA PRO B 172 -14.77 25.98 7.94
C PRO B 172 -15.08 24.52 8.29
N ARG B 173 -16.35 24.20 8.57
CA ARG B 173 -16.73 22.84 8.93
C ARG B 173 -17.34 22.04 7.75
N PRO B 174 -16.89 20.79 7.53
CA PRO B 174 -17.45 19.97 6.45
C PRO B 174 -18.87 19.44 6.68
N PRO B 175 -19.59 19.10 5.60
CA PRO B 175 -20.96 18.57 5.75
C PRO B 175 -21.06 17.33 6.63
N LEU B 176 -21.97 17.37 7.60
CA LEU B 176 -22.20 16.28 8.53
C LEU B 176 -23.13 15.19 7.94
N ASN B 177 -22.57 14.37 7.05
CA ASN B 177 -23.29 13.27 6.38
C ASN B 177 -22.37 12.10 5.98
N ARG B 178 -22.96 10.98 5.50
CA ARG B 178 -22.28 9.76 5.09
C ARG B 178 -21.29 9.91 3.91
N ASN B 179 -21.55 10.87 3.00
CA ASN B 179 -20.66 11.15 1.85
C ASN B 179 -19.29 11.76 2.29
N TYR B 180 -19.12 12.02 3.61
CA TYR B 180 -17.95 12.60 4.22
C TYR B 180 -17.48 11.68 5.37
N VAL B 181 -16.43 10.86 5.10
CA VAL B 181 -15.88 9.91 6.08
C VAL B 181 -14.64 10.42 6.83
N PHE B 182 -14.75 10.49 8.15
CA PHE B 182 -13.73 10.94 9.09
C PHE B 182 -12.83 9.84 9.56
N THR B 183 -11.71 10.20 10.19
CA THR B 183 -10.77 9.22 10.72
C THR B 183 -10.38 9.75 12.08
N GLY B 184 -10.66 8.97 13.11
CA GLY B 184 -10.36 9.38 14.48
C GLY B 184 -8.93 9.16 14.90
N TYR B 185 -8.48 9.89 15.94
CA TYR B 185 -7.13 9.81 16.46
C TYR B 185 -7.10 10.08 17.98
N ARG B 186 -6.18 9.42 18.75
CA ARG B 186 -5.95 9.68 20.20
C ARG B 186 -4.54 10.31 20.35
N VAL B 187 -4.41 11.39 21.13
CA VAL B 187 -3.14 12.12 21.25
C VAL B 187 -2.05 11.38 22.10
N THR B 188 -1.12 10.63 21.44
CA THR B 188 -0.02 9.86 22.10
C THR B 188 1.10 10.78 22.68
N LYS B 189 2.13 10.21 23.35
CA LYS B 189 3.26 10.95 23.94
C LYS B 189 3.77 12.12 23.05
N ASN B 190 4.12 11.84 21.79
CA ASN B 190 4.56 12.89 20.87
C ASN B 190 4.09 12.66 19.42
N SER B 191 2.91 12.03 19.25
CA SER B 191 2.29 11.80 17.92
C SER B 191 0.80 11.32 18.04
N LYS B 192 0.19 10.84 16.93
CA LYS B 192 -1.22 10.42 16.93
C LYS B 192 -1.46 8.95 16.46
N VAL B 193 -2.35 8.23 17.18
CA VAL B 193 -2.68 6.84 16.83
C VAL B 193 -4.09 6.74 16.17
N GLN B 194 -4.18 6.09 14.97
CA GLN B 194 -5.41 5.91 14.18
C GLN B 194 -6.44 5.11 14.97
N ILE B 195 -7.71 5.54 14.94
CA ILE B 195 -8.75 4.89 15.72
C ILE B 195 -9.96 4.44 14.84
N GLY B 196 -9.71 4.22 13.55
CA GLY B 196 -10.74 3.77 12.63
C GLY B 196 -11.56 4.87 12.01
N GLU B 197 -12.23 4.57 10.89
CA GLU B 197 -13.06 5.55 10.18
C GLU B 197 -14.40 5.77 10.86
N TYR B 198 -14.91 7.01 10.77
CA TYR B 198 -16.14 7.50 11.38
C TYR B 198 -17.00 8.32 10.42
N THR B 199 -18.28 8.52 10.76
CA THR B 199 -19.23 9.35 10.00
C THR B 199 -20.22 9.94 10.97
N PHE B 200 -20.75 11.11 10.62
CA PHE B 200 -21.66 11.79 11.52
C PHE B 200 -22.91 12.35 10.83
N GLU B 201 -23.92 12.68 11.64
CA GLU B 201 -25.20 13.27 11.27
C GLU B 201 -25.70 14.02 12.53
N LYS B 202 -26.29 15.22 12.37
CA LYS B 202 -26.78 16.06 13.46
C LYS B 202 -27.87 15.32 14.32
N GLY B 203 -27.97 15.62 15.63
CA GLY B 203 -28.94 14.94 16.50
C GLY B 203 -29.62 15.76 17.59
N ALA B 208 -24.96 19.13 19.35
CA ALA B 208 -24.60 17.72 19.51
C ALA B 208 -24.76 16.90 18.22
N VAL B 209 -23.80 16.00 17.92
CA VAL B 209 -23.80 15.13 16.73
C VAL B 209 -23.91 13.63 17.07
N VAL B 210 -24.22 12.79 16.07
CA VAL B 210 -24.38 11.35 16.22
C VAL B 210 -23.27 10.61 15.43
N TYR B 211 -22.49 9.69 16.07
CA TYR B 211 -21.41 8.99 15.36
C TYR B 211 -21.77 7.58 14.96
N ARG B 212 -21.30 7.18 13.76
CA ARG B 212 -21.50 5.85 13.21
C ARG B 212 -20.17 5.35 12.62
N GLY B 213 -19.23 5.05 13.50
CA GLY B 213 -17.92 4.59 13.08
C GLY B 213 -17.88 3.15 12.62
N THR B 214 -16.93 2.85 11.71
CA THR B 214 -16.64 1.53 11.14
C THR B 214 -16.25 0.56 12.27
N THR B 215 -15.43 1.03 13.19
CA THR B 215 -15.03 0.23 14.35
C THR B 215 -15.77 0.66 15.60
N THR B 216 -15.86 -0.26 16.58
CA THR B 216 -16.52 -0.03 17.86
C THR B 216 -15.51 0.36 18.95
N TYR B 217 -15.16 1.65 19.01
CA TYR B 217 -14.23 2.16 20.02
C TYR B 217 -14.99 2.90 21.10
N LYS B 218 -14.62 2.68 22.37
CA LYS B 218 -15.24 3.45 23.47
C LYS B 218 -14.51 4.81 23.50
N LEU B 219 -14.83 5.70 22.54
CA LEU B 219 -14.12 6.96 22.37
C LEU B 219 -14.03 7.79 23.63
N ASN B 220 -12.81 8.22 23.85
CA ASN B 220 -12.38 9.05 24.94
C ASN B 220 -12.33 10.48 24.44
N VAL B 221 -12.56 11.43 25.33
CA VAL B 221 -12.51 12.85 25.00
C VAL B 221 -11.10 13.25 24.43
N GLY B 222 -11.04 14.35 23.68
CA GLY B 222 -9.78 14.81 23.11
C GLY B 222 -9.41 14.14 21.80
N ASP B 223 -10.10 13.05 21.48
CA ASP B 223 -9.93 12.33 20.22
C ASP B 223 -10.46 13.23 19.11
N TYR B 224 -9.76 13.29 17.97
CA TYR B 224 -10.17 14.20 16.90
C TYR B 224 -10.34 13.50 15.57
N PHE B 225 -11.12 14.11 14.67
CA PHE B 225 -11.50 13.56 13.37
C PHE B 225 -11.16 14.43 12.19
N VAL B 226 -10.54 13.84 11.16
CA VAL B 226 -10.14 14.54 9.94
C VAL B 226 -10.61 13.71 8.72
N LEU B 227 -10.94 14.38 7.61
CA LEU B 227 -11.34 13.73 6.38
C LEU B 227 -10.08 13.17 5.77
N THR B 228 -10.09 11.88 5.41
CA THR B 228 -8.88 11.26 4.89
C THR B 228 -8.55 11.81 3.50
N SER B 229 -7.37 12.41 3.42
CA SER B 229 -6.80 13.02 2.24
C SER B 229 -5.61 12.16 1.77
N HIS B 230 -5.39 12.07 0.45
CA HIS B 230 -4.29 11.29 -0.08
C HIS B 230 -3.48 12.02 -1.14
N THR B 231 -2.26 11.52 -1.41
CA THR B 231 -1.40 12.10 -2.43
C THR B 231 -1.83 11.58 -3.81
N VAL B 232 -2.10 12.51 -4.74
CA VAL B 232 -2.52 12.21 -6.09
C VAL B 232 -1.29 11.87 -6.95
N MET B 233 -1.21 10.64 -7.46
CA MET B 233 -0.11 10.26 -8.33
C MET B 233 -0.34 10.77 -9.75
N PRO B 234 0.73 10.99 -10.53
CA PRO B 234 0.54 11.41 -11.92
C PRO B 234 -0.03 10.30 -12.81
N LEU B 235 -0.71 10.74 -13.89
CA LEU B 235 -1.37 9.87 -14.84
C LEU B 235 -0.51 9.73 -16.07
N SER B 236 -0.36 8.51 -16.55
CA SER B 236 0.46 8.20 -17.73
C SER B 236 -0.37 7.61 -18.90
N ALA B 237 -1.17 6.57 -18.63
CA ALA B 237 -2.03 5.87 -19.62
C ALA B 237 -3.31 6.65 -19.99
N PRO B 238 -3.87 6.49 -21.22
CA PRO B 238 -5.10 7.23 -21.56
C PRO B 238 -6.34 6.75 -20.79
N THR B 239 -7.42 7.58 -20.79
CA THR B 239 -8.71 7.23 -20.16
C THR B 239 -9.29 6.00 -20.89
N LEU B 240 -9.16 6.02 -22.24
CA LEU B 240 -9.55 4.99 -23.18
C LEU B 240 -8.41 4.67 -24.10
N VAL B 241 -8.15 3.37 -24.28
CA VAL B 241 -7.17 2.93 -25.26
C VAL B 241 -7.77 3.15 -26.67
N PRO B 242 -6.94 3.17 -27.74
CA PRO B 242 -7.50 3.31 -29.09
C PRO B 242 -8.39 2.12 -29.43
N GLN B 243 -9.58 2.38 -29.99
CA GLN B 243 -10.49 1.30 -30.35
C GLN B 243 -10.02 0.45 -31.55
N GLU B 244 -10.20 -0.87 -31.43
CA GLU B 244 -9.93 -1.85 -32.46
C GLU B 244 -11.20 -2.68 -32.68
N HIS B 245 -11.51 -2.96 -33.92
CA HIS B 245 -12.65 -3.79 -34.26
C HIS B 245 -12.13 -5.00 -34.99
N TYR B 246 -12.52 -6.18 -34.55
CA TYR B 246 -12.02 -7.44 -35.12
C TYR B 246 -13.08 -8.16 -35.95
N VAL B 247 -12.63 -9.02 -36.87
CA VAL B 247 -13.54 -9.78 -37.74
C VAL B 247 -14.00 -11.11 -37.05
N ARG B 248 -13.23 -11.59 -36.07
CA ARG B 248 -13.60 -12.78 -35.30
C ARG B 248 -13.34 -12.48 -33.81
N ILE B 249 -13.79 -13.40 -32.92
CA ILE B 249 -13.49 -13.29 -31.49
C ILE B 249 -11.98 -13.49 -31.34
N THR B 250 -11.32 -12.52 -30.69
CA THR B 250 -9.88 -12.46 -30.59
C THR B 250 -9.36 -12.85 -29.19
N GLY B 251 -8.43 -13.82 -29.13
CA GLY B 251 -7.78 -14.25 -27.90
C GLY B 251 -8.66 -14.89 -26.84
N LEU B 252 -9.96 -15.01 -27.15
CA LEU B 252 -10.93 -15.58 -26.24
C LEU B 252 -11.51 -16.81 -26.90
N TYR B 253 -11.89 -17.79 -26.07
CA TYR B 253 -12.40 -19.05 -26.55
C TYR B 253 -13.79 -19.38 -25.95
N PRO B 254 -14.85 -19.26 -26.78
CA PRO B 254 -16.22 -19.51 -26.29
C PRO B 254 -16.52 -20.95 -25.87
N THR B 255 -17.57 -21.14 -25.04
CA THR B 255 -18.01 -22.44 -24.53
C THR B 255 -18.91 -23.16 -25.53
N LEU B 256 -19.07 -24.48 -25.36
CA LEU B 256 -19.98 -25.24 -26.22
C LEU B 256 -21.38 -25.35 -25.59
N ASN B 257 -21.44 -25.41 -24.26
CA ASN B 257 -22.69 -25.52 -23.56
C ASN B 257 -22.78 -24.39 -22.59
N ILE B 258 -23.72 -23.50 -22.84
CA ILE B 258 -24.04 -22.39 -21.96
C ILE B 258 -25.44 -22.69 -21.38
N SER B 259 -25.68 -22.34 -20.11
CA SER B 259 -26.98 -22.55 -19.51
C SER B 259 -27.95 -21.51 -20.05
N ASP B 260 -29.25 -21.85 -20.09
CA ASP B 260 -30.29 -20.92 -20.54
C ASP B 260 -30.38 -19.62 -19.69
N GLU B 261 -29.65 -19.56 -18.56
CA GLU B 261 -29.56 -18.38 -17.69
C GLU B 261 -28.74 -17.26 -18.34
N PHE B 262 -27.71 -17.64 -19.13
CA PHE B 262 -26.82 -16.69 -19.82
C PHE B 262 -26.96 -16.64 -21.32
N SER B 263 -27.94 -17.38 -21.87
CA SER B 263 -28.22 -17.46 -23.30
C SER B 263 -28.65 -16.09 -23.87
N SER B 264 -29.28 -15.24 -23.05
CA SER B 264 -29.72 -13.93 -23.50
C SER B 264 -28.54 -12.96 -23.78
N ASN B 265 -27.38 -13.25 -23.20
CA ASN B 265 -26.20 -12.39 -23.37
C ASN B 265 -25.15 -12.99 -24.32
N VAL B 266 -25.39 -14.15 -24.95
CA VAL B 266 -24.43 -14.80 -25.85
C VAL B 266 -23.96 -13.90 -27.02
N ALA B 267 -24.92 -13.21 -27.67
CA ALA B 267 -24.66 -12.29 -28.76
C ALA B 267 -23.76 -11.13 -28.30
N ASN B 268 -24.05 -10.58 -27.11
CA ASN B 268 -23.28 -9.48 -26.55
C ASN B 268 -21.89 -9.91 -26.08
N TYR B 269 -21.73 -11.17 -25.58
CA TYR B 269 -20.43 -11.70 -25.15
C TYR B 269 -19.52 -11.86 -26.35
N GLN B 270 -20.09 -12.25 -27.52
CA GLN B 270 -19.38 -12.41 -28.79
C GLN B 270 -18.92 -11.06 -29.28
N LYS B 271 -19.77 -10.04 -29.13
CA LYS B 271 -19.49 -8.64 -29.41
C LYS B 271 -18.23 -8.20 -28.60
N VAL B 272 -18.13 -8.65 -27.34
CA VAL B 272 -17.02 -8.39 -26.42
C VAL B 272 -15.68 -8.97 -26.97
N GLY B 273 -15.74 -10.12 -27.63
CA GLY B 273 -14.56 -10.72 -28.23
C GLY B 273 -14.17 -10.09 -29.57
N MET B 274 -15.04 -9.25 -30.15
CA MET B 274 -14.79 -8.67 -31.47
C MET B 274 -14.49 -7.19 -31.52
N GLN B 275 -14.13 -6.59 -30.41
CA GLN B 275 -13.65 -5.22 -30.32
C GLN B 275 -12.70 -5.09 -29.12
N LYS B 276 -11.85 -4.04 -29.08
CA LYS B 276 -10.86 -3.87 -28.01
C LYS B 276 -11.60 -3.53 -26.71
N TYR B 277 -12.47 -2.54 -26.76
CA TYR B 277 -13.30 -2.18 -25.62
C TYR B 277 -14.76 -2.14 -26.05
N SER B 278 -15.65 -2.40 -25.11
CA SER B 278 -17.07 -2.40 -25.37
C SER B 278 -17.81 -1.79 -24.20
N THR B 279 -18.84 -1.02 -24.50
CA THR B 279 -19.65 -0.36 -23.49
C THR B 279 -21.02 -1.07 -23.34
N LEU B 280 -21.43 -1.33 -22.10
CA LEU B 280 -22.70 -1.95 -21.81
C LEU B 280 -23.52 -1.00 -20.94
N GLN B 281 -24.61 -0.46 -21.49
CA GLN B 281 -25.51 0.36 -20.69
C GLN B 281 -26.59 -0.58 -20.11
N GLY B 282 -26.66 -0.66 -18.79
CA GLY B 282 -27.63 -1.50 -18.12
C GLY B 282 -28.42 -0.73 -17.09
N PRO B 283 -29.64 -0.32 -17.47
CA PRO B 283 -30.52 0.39 -16.53
C PRO B 283 -30.78 -0.41 -15.25
N PRO B 284 -31.44 0.20 -14.25
CA PRO B 284 -31.73 -0.57 -13.00
C PRO B 284 -32.39 -1.92 -13.21
N GLY B 285 -31.85 -2.96 -12.59
CA GLY B 285 -32.44 -4.30 -12.61
C GLY B 285 -32.48 -5.05 -13.94
N THR B 286 -31.63 -4.64 -14.91
CA THR B 286 -31.55 -5.27 -16.22
C THR B 286 -30.49 -6.40 -16.29
N GLY B 287 -29.78 -6.69 -15.20
CA GLY B 287 -28.83 -7.81 -15.14
C GLY B 287 -27.36 -7.56 -15.40
N LYS B 288 -26.83 -6.41 -14.94
CA LYS B 288 -25.41 -6.06 -15.13
C LYS B 288 -24.42 -7.04 -14.43
N SER B 289 -24.64 -7.36 -13.15
CA SER B 289 -23.81 -8.30 -12.38
C SER B 289 -23.81 -9.67 -13.06
N HIS B 290 -25.01 -10.12 -13.46
CA HIS B 290 -25.28 -11.36 -14.14
C HIS B 290 -24.51 -11.40 -15.47
N PHE B 291 -24.59 -10.30 -16.25
CA PHE B 291 -23.83 -10.17 -17.50
C PHE B 291 -22.32 -10.37 -17.25
N ALA B 292 -21.74 -9.57 -16.31
CA ALA B 292 -20.34 -9.68 -15.95
C ALA B 292 -19.88 -11.15 -15.60
N ILE B 293 -20.60 -11.87 -14.68
CA ILE B 293 -20.17 -13.20 -14.27
C ILE B 293 -20.40 -14.25 -15.38
N GLY B 294 -21.47 -14.06 -16.14
CA GLY B 294 -21.79 -14.93 -17.26
C GLY B 294 -20.75 -14.92 -18.37
N LEU B 295 -20.06 -13.78 -18.54
CA LEU B 295 -18.98 -13.57 -19.52
C LEU B 295 -17.82 -14.53 -19.21
N ALA B 296 -17.60 -14.83 -17.91
CA ALA B 296 -16.60 -15.78 -17.41
C ALA B 296 -16.98 -17.22 -17.77
N LEU B 297 -18.26 -17.53 -17.75
CA LEU B 297 -18.74 -18.84 -18.12
C LEU B 297 -18.75 -19.03 -19.64
N TYR B 298 -18.87 -17.93 -20.39
CA TYR B 298 -18.85 -17.96 -21.83
C TYR B 298 -17.41 -18.16 -22.35
N TYR B 299 -16.43 -17.46 -21.77
CA TYR B 299 -15.02 -17.65 -22.13
C TYR B 299 -14.40 -18.28 -20.87
N PRO B 300 -14.51 -19.61 -20.71
CA PRO B 300 -14.14 -20.23 -19.42
C PRO B 300 -12.65 -20.31 -19.13
N SER B 301 -11.82 -20.22 -20.17
CA SER B 301 -10.35 -20.24 -20.08
C SER B 301 -9.78 -18.83 -19.77
N ALA B 302 -10.52 -17.76 -20.19
CA ALA B 302 -10.14 -16.37 -20.05
C ALA B 302 -9.92 -15.93 -18.60
N ARG B 303 -8.80 -15.23 -18.38
CA ARG B 303 -8.46 -14.67 -17.09
C ARG B 303 -9.14 -13.28 -17.00
N ILE B 304 -10.06 -13.09 -16.03
CA ILE B 304 -10.81 -11.83 -15.95
C ILE B 304 -10.53 -11.06 -14.69
N VAL B 305 -10.22 -9.77 -14.87
CA VAL B 305 -10.03 -8.88 -13.74
C VAL B 305 -11.31 -8.05 -13.63
N TYR B 306 -12.03 -8.19 -12.52
CA TYR B 306 -13.25 -7.45 -12.19
C TYR B 306 -12.82 -6.29 -11.34
N THR B 307 -13.19 -5.10 -11.77
CA THR B 307 -12.82 -3.87 -11.07
C THR B 307 -14.01 -2.91 -11.02
N ALA B 308 -13.95 -1.99 -10.04
CA ALA B 308 -14.87 -0.88 -9.80
C ALA B 308 -14.22 0.09 -8.77
N CYS B 309 -14.71 1.32 -8.68
CA CYS B 309 -14.18 2.32 -7.77
C CYS B 309 -14.42 1.97 -6.31
N SER B 310 -15.68 1.60 -5.94
CA SER B 310 -15.98 1.31 -4.54
C SER B 310 -15.77 -0.14 -4.14
N HIS B 311 -15.50 -0.35 -2.85
CA HIS B 311 -15.40 -1.71 -2.31
C HIS B 311 -16.74 -2.40 -2.40
N ALA B 312 -17.87 -1.66 -2.22
CA ALA B 312 -19.22 -2.21 -2.35
C ALA B 312 -19.51 -2.74 -3.76
N ALA B 313 -19.10 -1.98 -4.81
CA ALA B 313 -19.31 -2.41 -6.20
C ALA B 313 -18.49 -3.66 -6.50
N VAL B 314 -17.24 -3.72 -6.02
CA VAL B 314 -16.36 -4.87 -6.21
C VAL B 314 -16.94 -6.10 -5.47
N ASP B 315 -17.44 -5.88 -4.21
CA ASP B 315 -18.06 -6.89 -3.34
C ASP B 315 -19.34 -7.47 -3.94
N ALA B 316 -20.17 -6.62 -4.58
CA ALA B 316 -21.39 -7.06 -5.26
C ALA B 316 -21.02 -8.04 -6.37
N LEU B 317 -19.93 -7.76 -7.14
CA LEU B 317 -19.44 -8.66 -8.20
C LEU B 317 -18.93 -10.02 -7.61
N CYS B 318 -18.32 -9.98 -6.44
CA CYS B 318 -17.83 -11.13 -5.69
C CYS B 318 -19.01 -12.02 -5.26
N GLU B 319 -20.15 -11.43 -4.81
CA GLU B 319 -21.33 -12.21 -4.39
C GLU B 319 -21.91 -13.00 -5.55
N LYS B 320 -21.92 -12.39 -6.76
CA LYS B 320 -22.42 -13.03 -7.97
C LYS B 320 -21.44 -14.15 -8.40
N ALA B 321 -20.12 -13.92 -8.29
CA ALA B 321 -19.10 -14.91 -8.65
C ALA B 321 -19.13 -16.11 -7.71
N LEU B 322 -19.40 -15.87 -6.43
CA LEU B 322 -19.47 -16.94 -5.43
C LEU B 322 -20.56 -17.98 -5.81
N LYS B 323 -21.65 -17.52 -6.41
CA LYS B 323 -22.77 -18.32 -6.88
C LYS B 323 -22.48 -19.14 -8.18
N TYR B 324 -21.68 -18.59 -9.13
CA TYR B 324 -21.46 -19.23 -10.43
C TYR B 324 -20.05 -19.71 -10.76
N LEU B 325 -19.05 -19.09 -10.17
CA LEU B 325 -17.65 -19.38 -10.49
C LEU B 325 -16.95 -20.16 -9.35
N PRO B 326 -15.98 -21.03 -9.72
CA PRO B 326 -15.26 -21.80 -8.68
C PRO B 326 -14.52 -20.90 -7.71
N ILE B 327 -14.80 -21.02 -6.40
CA ILE B 327 -14.21 -20.19 -5.35
C ILE B 327 -12.66 -20.27 -5.30
N ASP B 328 -12.12 -21.42 -5.71
CA ASP B 328 -10.69 -21.70 -5.76
C ASP B 328 -9.97 -21.06 -6.97
N LYS B 329 -10.76 -20.44 -7.90
CA LYS B 329 -10.30 -19.69 -9.07
C LYS B 329 -10.44 -18.19 -8.87
N CYS B 330 -10.96 -17.74 -7.73
CA CYS B 330 -11.20 -16.35 -7.39
C CYS B 330 -10.28 -15.82 -6.29
N SER B 331 -10.00 -14.54 -6.38
CA SER B 331 -9.23 -13.86 -5.37
C SER B 331 -9.71 -12.43 -5.20
N ARG B 332 -9.80 -11.96 -3.96
CA ARG B 332 -10.21 -10.61 -3.66
C ARG B 332 -8.94 -9.82 -3.24
N ILE B 333 -8.50 -8.81 -4.05
CA ILE B 333 -7.32 -7.99 -3.75
C ILE B 333 -7.75 -6.87 -2.77
N ILE B 334 -7.08 -6.83 -1.62
CA ILE B 334 -7.36 -5.88 -0.55
C ILE B 334 -6.07 -5.14 -0.24
N PRO B 335 -6.08 -3.79 -0.29
CA PRO B 335 -4.86 -3.04 0.07
C PRO B 335 -4.70 -2.96 1.61
N ALA B 336 -3.46 -2.75 2.11
CA ALA B 336 -3.24 -2.63 3.55
C ALA B 336 -3.70 -1.26 4.07
N VAL B 340 -11.13 -1.15 6.37
CA VAL B 340 -12.36 -1.33 5.59
C VAL B 340 -12.75 -2.82 5.46
N GLU B 341 -14.01 -3.15 5.77
CA GLU B 341 -14.46 -4.54 5.68
C GLU B 341 -15.11 -4.81 4.35
N CYS B 342 -14.75 -5.94 3.77
CA CYS B 342 -15.30 -6.26 2.47
C CYS B 342 -15.61 -7.76 2.29
N PHE B 343 -15.28 -8.34 1.13
CA PHE B 343 -15.58 -9.71 0.82
C PHE B 343 -14.49 -10.61 1.36
N ASP B 344 -14.85 -11.65 2.14
CA ASP B 344 -13.84 -12.53 2.71
C ASP B 344 -13.99 -13.99 2.32
N LYS B 345 -14.71 -14.29 1.23
CA LYS B 345 -14.92 -15.66 0.83
C LYS B 345 -13.83 -16.17 -0.15
N PHE B 346 -13.10 -15.27 -0.84
CA PHE B 346 -12.04 -15.70 -1.77
C PHE B 346 -10.67 -15.63 -1.12
N LYS B 347 -9.67 -16.33 -1.69
CA LYS B 347 -8.30 -16.21 -1.18
C LYS B 347 -7.84 -14.75 -1.38
N VAL B 348 -7.25 -14.12 -0.32
CA VAL B 348 -6.91 -12.69 -0.38
C VAL B 348 -5.51 -12.41 -0.96
N ASN B 349 -5.44 -11.41 -1.87
CA ASN B 349 -4.25 -10.84 -2.53
C ASN B 349 -3.50 -11.82 -3.47
N SER B 350 -4.16 -12.87 -3.96
CA SER B 350 -3.54 -13.79 -4.91
C SER B 350 -3.76 -13.20 -6.30
N THR B 351 -2.78 -12.43 -6.79
CA THR B 351 -2.83 -11.74 -8.08
C THR B 351 -2.92 -12.71 -9.28
N LEU B 352 -2.36 -13.92 -9.13
CA LEU B 352 -2.34 -14.89 -10.22
C LEU B 352 -3.62 -15.72 -10.41
N GLU B 353 -4.63 -15.51 -9.56
CA GLU B 353 -5.89 -16.23 -9.65
C GLU B 353 -6.58 -15.98 -10.98
N GLN B 354 -7.32 -16.97 -11.53
CA GLN B 354 -8.00 -16.74 -12.81
C GLN B 354 -8.97 -15.56 -12.76
N TYR B 355 -9.65 -15.37 -11.62
CA TYR B 355 -10.62 -14.29 -11.42
C TYR B 355 -10.16 -13.38 -10.29
N VAL B 356 -9.91 -12.11 -10.62
CA VAL B 356 -9.39 -11.17 -9.64
C VAL B 356 -10.35 -10.02 -9.45
N PHE B 357 -10.81 -9.79 -8.23
CA PHE B 357 -11.78 -8.75 -7.89
C PHE B 357 -11.04 -7.74 -7.05
N CYS B 358 -10.97 -6.50 -7.51
CA CYS B 358 -10.17 -5.48 -6.86
C CYS B 358 -10.68 -4.08 -7.19
N THR B 359 -10.58 -3.12 -6.24
CA THR B 359 -10.97 -1.75 -6.54
C THR B 359 -9.86 -1.07 -7.42
N VAL B 360 -10.23 -0.05 -8.23
CA VAL B 360 -9.29 0.67 -9.10
C VAL B 360 -7.97 1.07 -8.40
N ASN B 361 -8.05 1.79 -7.24
CA ASN B 361 -6.87 2.29 -6.49
C ASN B 361 -5.94 1.20 -5.89
N ALA B 362 -6.40 -0.06 -5.85
CA ALA B 362 -5.61 -1.19 -5.33
C ALA B 362 -5.14 -2.18 -6.44
N LEU B 363 -5.45 -1.88 -7.72
CA LEU B 363 -5.09 -2.77 -8.81
C LEU B 363 -3.60 -2.98 -8.90
N PRO B 364 -3.17 -4.22 -8.99
CA PRO B 364 -1.76 -4.48 -9.19
C PRO B 364 -1.36 -4.26 -10.66
N GLU B 365 -0.05 -4.34 -10.96
CA GLU B 365 0.45 -4.23 -12.32
C GLU B 365 0.41 -5.62 -12.93
N THR B 366 -0.69 -5.95 -13.60
CA THR B 366 -0.91 -7.27 -14.18
C THR B 366 -1.58 -7.20 -15.58
N THR B 367 -1.80 -8.35 -16.21
CA THR B 367 -2.47 -8.45 -17.50
C THR B 367 -3.69 -9.40 -17.39
N ALA B 368 -4.61 -9.34 -18.36
CA ALA B 368 -5.79 -10.19 -18.35
C ALA B 368 -6.33 -10.40 -19.78
N ASP B 369 -7.17 -11.42 -19.99
CA ASP B 369 -7.80 -11.64 -21.29
C ASP B 369 -8.99 -10.66 -21.40
N ILE B 370 -9.72 -10.43 -20.28
CA ILE B 370 -10.81 -9.47 -20.18
C ILE B 370 -10.66 -8.69 -18.87
N VAL B 371 -10.88 -7.39 -18.93
CA VAL B 371 -11.00 -6.56 -17.77
C VAL B 371 -12.47 -6.09 -17.79
N VAL B 372 -13.20 -6.21 -16.67
CA VAL B 372 -14.57 -5.74 -16.58
C VAL B 372 -14.54 -4.58 -15.57
N PHE B 373 -14.97 -3.37 -15.98
CA PHE B 373 -15.05 -2.17 -15.11
C PHE B 373 -16.56 -1.82 -14.93
N ASP B 374 -17.11 -2.11 -13.72
CA ASP B 374 -18.50 -1.90 -13.35
C ASP B 374 -18.74 -0.54 -12.68
N GLU B 375 -20.02 -0.11 -12.59
CA GLU B 375 -20.52 1.15 -12.02
C GLU B 375 -19.78 2.33 -12.68
N ILE B 376 -19.68 2.28 -14.04
CA ILE B 376 -18.92 3.21 -14.90
C ILE B 376 -19.36 4.66 -14.79
N SER B 377 -20.61 4.98 -14.39
CA SER B 377 -21.02 6.37 -14.20
C SER B 377 -20.31 7.00 -12.98
N MET B 378 -19.94 6.15 -11.98
CA MET B 378 -19.21 6.52 -10.75
C MET B 378 -17.69 6.74 -10.98
N ALA B 379 -17.17 6.32 -12.13
CA ALA B 379 -15.75 6.48 -12.45
C ALA B 379 -15.44 7.90 -12.92
N THR B 380 -14.24 8.38 -12.62
CA THR B 380 -13.72 9.65 -13.08
C THR B 380 -12.65 9.34 -14.16
N ASN B 381 -12.19 10.37 -14.88
CA ASN B 381 -11.12 10.15 -15.87
C ASN B 381 -9.80 9.71 -15.20
N TYR B 382 -9.62 10.09 -13.93
CA TYR B 382 -8.50 9.68 -13.13
C TYR B 382 -8.50 8.14 -13.00
N ASP B 383 -9.67 7.56 -12.64
CA ASP B 383 -9.89 6.13 -12.49
C ASP B 383 -9.71 5.37 -13.81
N LEU B 384 -10.24 5.92 -14.91
CA LEU B 384 -10.14 5.34 -16.26
C LEU B 384 -8.68 5.18 -16.67
N SER B 385 -7.89 6.24 -16.46
CA SER B 385 -6.47 6.25 -16.78
C SER B 385 -5.68 5.24 -15.94
N VAL B 386 -5.98 5.18 -14.63
CA VAL B 386 -5.35 4.26 -13.69
C VAL B 386 -5.56 2.80 -14.11
N VAL B 387 -6.80 2.47 -14.55
CA VAL B 387 -7.09 1.11 -14.99
C VAL B 387 -6.27 0.76 -16.22
N ASN B 388 -6.16 1.70 -17.19
CA ASN B 388 -5.36 1.45 -18.38
C ASN B 388 -3.86 1.35 -18.10
N ALA B 389 -3.39 1.97 -17.00
CA ALA B 389 -2.00 1.95 -16.56
C ALA B 389 -1.61 0.66 -15.83
N ARG B 390 -2.47 0.21 -14.90
CA ARG B 390 -2.22 -0.96 -14.09
C ARG B 390 -2.42 -2.24 -14.88
N LEU B 391 -3.50 -2.31 -15.70
CA LEU B 391 -3.96 -3.50 -16.44
C LEU B 391 -3.76 -3.46 -17.97
N ARG B 392 -3.09 -4.47 -18.54
CA ARG B 392 -2.92 -4.57 -19.99
C ARG B 392 -3.75 -5.79 -20.46
N ALA B 393 -4.92 -5.55 -21.07
CA ALA B 393 -5.84 -6.61 -21.45
C ALA B 393 -6.14 -6.71 -22.95
N LYS B 394 -6.58 -7.90 -23.42
CA LYS B 394 -6.99 -8.15 -24.80
C LYS B 394 -8.32 -7.42 -25.03
N HIS B 395 -9.23 -7.46 -24.01
CA HIS B 395 -10.56 -6.82 -24.05
C HIS B 395 -10.90 -6.07 -22.77
N TYR B 396 -11.52 -4.93 -22.93
CA TYR B 396 -11.95 -4.10 -21.82
C TYR B 396 -13.48 -3.97 -21.92
N VAL B 397 -14.21 -4.13 -20.81
CA VAL B 397 -15.67 -4.03 -20.82
C VAL B 397 -16.15 -3.04 -19.75
N TYR B 398 -16.82 -1.97 -20.19
CA TYR B 398 -17.30 -0.93 -19.30
C TYR B 398 -18.79 -1.08 -19.10
N ILE B 399 -19.19 -1.50 -17.92
CA ILE B 399 -20.59 -1.73 -17.53
C ILE B 399 -21.06 -0.62 -16.57
N GLY B 400 -22.24 -0.10 -16.81
CA GLY B 400 -22.81 0.95 -15.99
C GLY B 400 -23.99 1.58 -16.68
N ASP B 401 -24.31 2.83 -16.34
CA ASP B 401 -25.46 3.50 -16.90
C ASP B 401 -25.30 5.00 -16.78
N PRO B 402 -25.12 5.74 -17.92
CA PRO B 402 -24.96 7.20 -17.82
C PRO B 402 -26.19 7.93 -17.29
N ALA B 403 -27.33 7.22 -17.15
CA ALA B 403 -28.58 7.73 -16.58
C ALA B 403 -28.66 7.57 -15.06
N GLN B 404 -27.60 7.01 -14.43
CA GLN B 404 -27.48 6.88 -12.99
C GLN B 404 -26.46 7.90 -12.44
N LEU B 405 -26.30 7.94 -11.11
CA LEU B 405 -25.46 8.94 -10.47
C LEU B 405 -23.94 8.83 -10.73
N PRO B 406 -23.32 10.00 -10.97
CA PRO B 406 -21.86 10.03 -11.16
C PRO B 406 -21.14 10.14 -9.81
N ALA B 407 -19.79 10.15 -9.83
CA ALA B 407 -19.01 10.38 -8.62
C ALA B 407 -19.27 11.80 -8.14
N PRO B 408 -19.36 12.01 -6.82
CA PRO B 408 -19.59 13.38 -6.31
C PRO B 408 -18.45 14.31 -6.71
N ARG B 409 -18.80 15.49 -7.23
CA ARG B 409 -17.81 16.48 -7.59
C ARG B 409 -17.93 17.56 -6.52
N THR B 410 -17.17 17.38 -5.40
CA THR B 410 -17.21 18.24 -4.21
C THR B 410 -16.93 19.71 -4.47
N LEU B 411 -16.15 20.05 -5.52
CA LEU B 411 -15.81 21.45 -5.79
C LEU B 411 -16.87 22.16 -6.63
N LEU B 412 -17.63 21.42 -7.46
CA LEU B 412 -18.62 21.97 -8.38
C LEU B 412 -19.88 22.48 -7.69
N THR B 413 -20.12 23.80 -7.83
CA THR B 413 -21.26 24.51 -7.26
C THR B 413 -22.07 25.25 -8.32
N LYS B 414 -21.41 25.69 -9.40
CA LYS B 414 -22.05 26.47 -10.47
C LYS B 414 -22.25 25.66 -11.77
N GLY B 415 -23.50 25.30 -12.03
CA GLY B 415 -23.85 24.56 -13.23
C GLY B 415 -24.11 23.10 -12.92
N THR B 416 -24.78 22.40 -13.83
CA THR B 416 -25.08 20.99 -13.67
C THR B 416 -24.21 20.16 -14.65
N LEU B 417 -23.63 19.07 -14.16
CA LEU B 417 -22.79 18.18 -14.97
C LEU B 417 -23.62 17.15 -15.75
N GLU B 418 -23.64 17.23 -17.08
CA GLU B 418 -24.40 16.29 -17.89
C GLU B 418 -23.71 14.89 -18.02
N PRO B 419 -24.50 13.78 -18.18
CA PRO B 419 -23.91 12.43 -18.31
C PRO B 419 -22.79 12.26 -19.36
N GLU B 420 -22.84 12.99 -20.51
CA GLU B 420 -21.75 12.93 -21.51
C GLU B 420 -20.43 13.56 -21.01
N TYR B 421 -20.40 14.01 -19.77
CA TYR B 421 -19.23 14.63 -19.19
C TYR B 421 -18.79 13.94 -17.86
N PHE B 422 -19.38 12.76 -17.49
CA PHE B 422 -18.98 12.08 -16.25
C PHE B 422 -17.56 11.56 -16.44
N ASN B 423 -17.32 10.90 -17.55
CA ASN B 423 -16.02 10.36 -17.90
C ASN B 423 -16.02 10.06 -19.40
N SER B 424 -14.87 9.63 -19.95
CA SER B 424 -14.72 9.29 -21.35
C SER B 424 -15.67 8.16 -21.81
N VAL B 425 -16.01 7.21 -20.92
CA VAL B 425 -16.92 6.10 -21.26
C VAL B 425 -18.36 6.60 -21.37
N CYS B 426 -18.78 7.42 -20.43
CA CYS B 426 -20.12 8.01 -20.45
C CYS B 426 -20.25 8.99 -21.61
N ARG B 427 -19.17 9.70 -21.97
CA ARG B 427 -19.15 10.59 -23.13
C ARG B 427 -19.43 9.75 -24.39
N LEU B 428 -18.77 8.60 -24.53
CA LEU B 428 -19.01 7.68 -25.63
C LEU B 428 -20.46 7.14 -25.64
N MET B 429 -20.99 6.68 -24.48
CA MET B 429 -22.35 6.13 -24.34
C MET B 429 -23.45 7.12 -24.67
N LYS B 430 -23.20 8.40 -24.48
CA LYS B 430 -24.18 9.45 -24.71
C LYS B 430 -24.07 10.09 -26.12
N THR B 431 -22.92 9.93 -26.79
CA THR B 431 -22.72 10.50 -28.11
C THR B 431 -22.89 9.42 -29.22
N ILE B 432 -21.98 8.42 -29.30
CA ILE B 432 -22.06 7.31 -30.27
C ILE B 432 -23.02 6.16 -29.80
N GLY B 433 -23.54 6.26 -28.57
CA GLY B 433 -24.40 5.24 -27.97
C GLY B 433 -23.61 4.07 -27.42
N PRO B 434 -24.19 3.25 -26.52
CA PRO B 434 -23.44 2.09 -26.03
C PRO B 434 -23.44 0.93 -27.03
N ASP B 435 -22.39 0.11 -26.98
CA ASP B 435 -22.27 -1.05 -27.86
C ASP B 435 -23.36 -2.07 -27.53
N MET B 436 -23.64 -2.24 -26.24
CA MET B 436 -24.60 -3.19 -25.74
C MET B 436 -25.55 -2.52 -24.79
N PHE B 437 -26.82 -2.96 -24.82
CA PHE B 437 -27.86 -2.42 -23.97
C PHE B 437 -28.71 -3.54 -23.34
N LEU B 438 -28.71 -3.67 -21.99
CA LEU B 438 -29.59 -4.64 -21.31
C LEU B 438 -30.95 -3.94 -21.27
N GLY B 439 -31.87 -4.44 -22.09
CA GLY B 439 -33.12 -3.74 -22.30
C GLY B 439 -34.32 -4.15 -21.50
N THR B 440 -34.21 -5.20 -20.67
CA THR B 440 -35.38 -5.61 -19.89
C THR B 440 -35.18 -5.53 -18.37
N CYS B 441 -35.94 -4.63 -17.73
CA CYS B 441 -35.94 -4.43 -16.29
C CYS B 441 -36.73 -5.54 -15.61
N ARG B 442 -36.07 -6.33 -14.76
CA ARG B 442 -36.67 -7.44 -14.02
C ARG B 442 -37.18 -7.05 -12.62
N ARG B 443 -36.79 -5.88 -12.13
CA ARG B 443 -37.10 -5.45 -10.78
C ARG B 443 -38.38 -4.65 -10.56
N CYS B 444 -38.61 -3.65 -11.39
CA CYS B 444 -39.63 -2.66 -11.12
C CYS B 444 -41.00 -2.95 -11.69
N PRO B 445 -42.04 -2.45 -10.95
CA PRO B 445 -43.41 -2.49 -11.50
C PRO B 445 -43.44 -1.67 -12.81
N ALA B 446 -44.24 -2.10 -13.82
CA ALA B 446 -44.30 -1.40 -15.10
C ALA B 446 -44.47 0.15 -14.99
N GLU B 447 -45.22 0.69 -14.01
CA GLU B 447 -45.37 2.15 -13.83
C GLU B 447 -44.02 2.88 -13.72
N ILE B 448 -43.08 2.30 -12.96
CA ILE B 448 -41.73 2.84 -12.76
C ILE B 448 -40.90 2.64 -14.05
N VAL B 449 -41.03 1.46 -14.72
CA VAL B 449 -40.27 1.20 -15.94
C VAL B 449 -40.66 2.13 -17.12
N ASP B 450 -41.96 2.34 -17.28
CA ASP B 450 -42.49 3.20 -18.32
C ASP B 450 -42.07 4.67 -18.12
N THR B 451 -41.99 5.10 -16.85
CA THR B 451 -41.61 6.47 -16.47
C THR B 451 -40.14 6.74 -16.74
N VAL B 452 -39.22 5.84 -16.30
CA VAL B 452 -37.79 6.02 -16.48
C VAL B 452 -37.37 5.73 -17.93
N SER B 453 -38.11 4.86 -18.64
CA SER B 453 -37.87 4.56 -20.05
C SER B 453 -38.08 5.86 -20.86
N ALA B 454 -39.16 6.58 -20.60
CA ALA B 454 -39.43 7.85 -21.28
C ALA B 454 -38.53 8.95 -20.76
N LEU B 455 -38.25 8.96 -19.44
CA LEU B 455 -37.42 9.99 -18.81
C LEU B 455 -35.94 10.00 -19.26
N VAL B 456 -35.24 8.84 -19.20
CA VAL B 456 -33.80 8.80 -19.49
C VAL B 456 -33.33 7.74 -20.51
N TYR B 457 -34.17 6.74 -20.89
CA TYR B 457 -33.71 5.66 -21.78
C TYR B 457 -34.26 5.67 -23.18
N ASP B 458 -34.86 6.79 -23.62
CA ASP B 458 -35.40 6.95 -24.98
C ASP B 458 -36.42 5.87 -25.39
N ASN B 459 -37.30 5.49 -24.46
CA ASN B 459 -38.36 4.48 -24.58
C ASN B 459 -37.83 3.10 -24.95
N LYS B 460 -36.55 2.80 -24.66
CA LYS B 460 -35.96 1.49 -24.96
C LYS B 460 -35.93 0.53 -23.77
N LEU B 461 -36.33 0.98 -22.57
CA LEU B 461 -36.36 0.10 -21.41
C LEU B 461 -37.74 -0.52 -21.34
N LYS B 462 -37.78 -1.87 -21.42
CA LYS B 462 -39.01 -2.64 -21.39
C LYS B 462 -39.28 -3.22 -19.99
N ALA B 463 -40.58 -3.37 -19.61
CA ALA B 463 -40.92 -3.91 -18.30
C ALA B 463 -41.12 -5.42 -18.38
N HIS B 464 -40.56 -6.16 -17.43
CA HIS B 464 -40.75 -7.60 -17.35
C HIS B 464 -41.97 -7.89 -16.40
N LYS B 465 -42.09 -7.13 -15.32
CA LYS B 465 -43.21 -7.25 -14.39
C LYS B 465 -44.41 -6.50 -14.98
N ASP B 466 -45.60 -6.86 -14.51
CA ASP B 466 -46.80 -6.11 -14.87
C ASP B 466 -46.84 -4.82 -13.97
N LYS B 467 -47.83 -3.93 -14.20
CA LYS B 467 -48.06 -2.76 -13.36
C LYS B 467 -48.47 -3.32 -11.95
N SER B 468 -47.80 -2.85 -10.89
CA SER B 468 -48.09 -3.33 -9.54
C SER B 468 -49.38 -2.76 -8.96
N ALA B 469 -49.79 -1.57 -9.46
CA ALA B 469 -50.89 -0.73 -8.98
C ALA B 469 -50.61 -0.19 -7.57
N GLN B 470 -49.33 -0.19 -7.15
CA GLN B 470 -48.89 0.32 -5.86
C GLN B 470 -47.92 1.48 -6.05
N CYS B 471 -48.03 2.23 -7.19
CA CYS B 471 -47.18 3.37 -7.48
C CYS B 471 -48.04 4.59 -7.45
N PHE B 472 -47.78 5.47 -6.47
CA PHE B 472 -48.50 6.69 -6.16
C PHE B 472 -47.64 7.92 -6.20
N LYS B 473 -48.25 9.04 -6.55
CA LYS B 473 -47.61 10.33 -6.60
C LYS B 473 -48.54 11.38 -5.96
N MET B 474 -47.99 12.23 -5.11
N MET B 474 -48.00 12.23 -5.07
CA MET B 474 -48.76 13.31 -4.51
CA MET B 474 -48.77 13.27 -4.39
C MET B 474 -48.01 14.58 -4.74
C MET B 474 -48.04 14.59 -4.62
N PHE B 475 -48.73 15.61 -5.13
CA PHE B 475 -48.11 16.90 -5.34
C PHE B 475 -48.30 17.68 -4.03
N TYR B 476 -47.20 17.90 -3.28
CA TYR B 476 -47.24 18.58 -1.99
C TYR B 476 -45.91 19.37 -1.73
N LYS B 477 -45.93 20.70 -1.90
CA LYS B 477 -44.72 21.52 -1.72
C LYS B 477 -44.27 21.68 -0.23
N GLY B 478 -45.23 21.68 0.70
CA GLY B 478 -44.95 21.75 2.13
C GLY B 478 -44.18 22.96 2.58
N VAL B 479 -43.21 22.77 3.50
CA VAL B 479 -42.38 23.83 4.06
C VAL B 479 -40.94 23.38 4.05
N ILE B 480 -40.06 24.22 3.54
CA ILE B 480 -38.65 23.89 3.45
C ILE B 480 -37.82 24.64 4.47
N THR B 481 -37.23 23.87 5.37
CA THR B 481 -36.30 24.36 6.37
C THR B 481 -34.88 23.95 5.92
N HIS B 482 -33.93 24.87 6.09
CA HIS B 482 -32.55 24.71 5.66
C HIS B 482 -31.65 24.63 6.86
N ASP B 483 -30.71 23.68 6.85
CA ASP B 483 -29.71 23.64 7.91
C ASP B 483 -28.34 24.08 7.27
N VAL B 484 -27.21 23.75 7.92
CA VAL B 484 -25.86 24.11 7.45
C VAL B 484 -25.55 23.72 5.99
N SER B 485 -26.01 22.53 5.53
CA SER B 485 -25.75 22.10 4.15
C SER B 485 -26.70 20.97 3.70
N SER B 486 -27.99 21.09 4.06
CA SER B 486 -29.06 20.13 3.72
C SER B 486 -30.48 20.77 3.87
N ALA B 487 -31.52 20.10 3.35
CA ALA B 487 -32.90 20.58 3.45
C ALA B 487 -33.79 19.56 4.18
N ILE B 488 -34.84 20.07 4.80
CA ILE B 488 -35.87 19.33 5.53
C ILE B 488 -37.26 19.84 5.07
N ASN B 489 -38.23 18.94 4.99
CA ASN B 489 -39.62 19.21 4.67
C ASN B 489 -40.48 18.36 5.58
N ARG B 490 -40.67 18.82 6.82
CA ARG B 490 -41.49 18.19 7.85
C ARG B 490 -42.94 17.97 7.38
N PRO B 491 -43.62 18.93 6.69
CA PRO B 491 -44.95 18.64 6.14
C PRO B 491 -45.00 17.42 5.18
N GLN B 492 -43.93 17.18 4.38
CA GLN B 492 -43.87 16.02 3.50
C GLN B 492 -43.73 14.71 4.30
N ILE B 493 -42.98 14.75 5.43
CA ILE B 493 -42.84 13.60 6.36
C ILE B 493 -44.18 13.36 7.09
N GLY B 494 -44.93 14.43 7.38
CA GLY B 494 -46.25 14.40 8.00
C GLY B 494 -47.31 13.78 7.09
N VAL B 495 -47.21 14.09 5.80
CA VAL B 495 -48.08 13.52 4.77
C VAL B 495 -47.80 11.97 4.69
N VAL B 496 -46.53 11.55 4.80
CA VAL B 496 -46.10 10.14 4.79
C VAL B 496 -46.64 9.43 6.01
N ARG B 497 -46.56 10.07 7.17
CA ARG B 497 -47.05 9.58 8.46
C ARG B 497 -48.57 9.32 8.37
N GLU B 498 -49.33 10.27 7.79
CA GLU B 498 -50.77 10.16 7.57
C GLU B 498 -51.09 9.02 6.60
N PHE B 499 -50.27 8.84 5.54
CA PHE B 499 -50.42 7.75 4.57
C PHE B 499 -50.18 6.39 5.26
N LEU B 500 -49.13 6.27 6.10
CA LEU B 500 -48.77 5.04 6.79
C LEU B 500 -49.83 4.55 7.78
N THR B 501 -50.57 5.47 8.44
CA THR B 501 -51.66 5.10 9.36
C THR B 501 -52.73 4.30 8.61
N ARG B 502 -53.10 4.80 7.42
CA ARG B 502 -54.07 4.15 6.57
C ARG B 502 -53.49 3.08 5.65
N ASN B 503 -52.15 2.89 5.58
CA ASN B 503 -51.48 1.89 4.73
C ASN B 503 -50.39 1.11 5.47
N PRO B 504 -50.77 0.31 6.50
CA PRO B 504 -49.77 -0.43 7.28
C PRO B 504 -48.87 -1.39 6.50
N ALA B 505 -49.30 -1.89 5.33
CA ALA B 505 -48.40 -2.73 4.51
C ALA B 505 -47.11 -1.95 4.10
N TRP B 506 -47.20 -0.63 4.08
CA TRP B 506 -46.10 0.27 3.79
C TRP B 506 -45.19 0.55 4.98
N ARG B 507 -45.45 -0.06 6.15
CA ARG B 507 -44.57 0.09 7.29
C ARG B 507 -43.23 -0.61 7.05
N LYS B 508 -43.19 -1.65 6.19
CA LYS B 508 -41.96 -2.33 5.79
C LYS B 508 -41.18 -1.55 4.67
N ALA B 509 -41.60 -0.30 4.33
CA ALA B 509 -40.95 0.51 3.29
C ALA B 509 -39.65 1.19 3.75
N VAL B 510 -38.72 1.41 2.79
CA VAL B 510 -37.50 2.18 3.00
C VAL B 510 -37.81 3.63 2.60
N PHE B 511 -37.48 4.59 3.46
CA PHE B 511 -37.68 6.01 3.18
C PHE B 511 -36.44 6.56 2.42
N ILE B 512 -36.65 7.19 1.27
CA ILE B 512 -35.61 7.81 0.46
C ILE B 512 -35.88 9.33 0.22
N SER B 513 -34.81 10.13 0.19
CA SER B 513 -34.90 11.55 -0.07
C SER B 513 -33.54 12.06 -0.60
N PRO B 514 -33.51 13.20 -1.29
CA PRO B 514 -32.22 13.73 -1.76
C PRO B 514 -31.34 14.37 -0.67
N TYR B 515 -31.83 14.45 0.58
CA TYR B 515 -31.10 15.09 1.69
C TYR B 515 -31.02 14.21 2.93
N ASN B 516 -29.84 14.14 3.52
CA ASN B 516 -29.64 13.36 4.74
C ASN B 516 -30.35 13.97 5.94
N SER B 517 -30.50 15.31 5.98
CA SER B 517 -31.23 15.97 7.07
C SER B 517 -32.70 15.61 7.06
N GLN B 518 -33.30 15.51 5.87
CA GLN B 518 -34.68 15.08 5.71
C GLN B 518 -34.84 13.64 6.27
N ASN B 519 -33.90 12.76 5.89
CA ASN B 519 -33.81 11.36 6.29
C ASN B 519 -33.67 11.19 7.82
N ALA B 520 -32.92 12.10 8.48
CA ALA B 520 -32.72 12.07 9.93
C ALA B 520 -34.04 12.41 10.66
N VAL B 521 -34.76 13.43 10.15
CA VAL B 521 -36.05 13.83 10.67
C VAL B 521 -37.10 12.71 10.44
N ALA B 522 -37.10 12.09 9.23
CA ALA B 522 -38.03 11.02 8.86
C ALA B 522 -37.77 9.74 9.65
N SER B 523 -36.50 9.48 10.02
CA SER B 523 -36.19 8.29 10.79
C SER B 523 -36.75 8.43 12.21
N LYS B 524 -36.71 9.64 12.79
CA LYS B 524 -37.25 9.85 14.14
C LYS B 524 -38.79 9.77 14.12
N ILE B 525 -39.43 10.50 13.20
CA ILE B 525 -40.90 10.55 13.08
C ILE B 525 -41.55 9.24 12.54
N LEU B 526 -41.08 8.73 11.42
CA LEU B 526 -41.66 7.54 10.79
C LEU B 526 -41.08 6.22 11.32
N GLY B 527 -39.82 6.26 11.75
CA GLY B 527 -39.14 5.05 12.18
C GLY B 527 -38.80 4.08 11.06
N LEU B 528 -38.98 4.51 9.79
CA LEU B 528 -38.64 3.70 8.63
C LEU B 528 -37.14 3.73 8.42
N PRO B 529 -36.54 2.66 7.83
CA PRO B 529 -35.11 2.76 7.46
C PRO B 529 -34.90 3.87 6.39
N THR B 530 -33.73 4.54 6.38
CA THR B 530 -33.51 5.62 5.41
C THR B 530 -32.28 5.43 4.52
N GLN B 531 -32.36 6.00 3.31
CA GLN B 531 -31.30 6.06 2.32
C GLN B 531 -31.38 7.40 1.64
N THR B 532 -30.23 8.01 1.35
CA THR B 532 -30.25 9.17 0.45
C THR B 532 -30.37 8.51 -0.94
N VAL B 533 -30.74 9.28 -1.97
CA VAL B 533 -30.83 8.72 -3.31
C VAL B 533 -29.46 8.14 -3.76
N ASP B 534 -28.39 8.86 -3.44
CA ASP B 534 -27.03 8.51 -3.77
C ASP B 534 -26.53 7.23 -3.10
N SER B 535 -26.91 7.00 -1.84
CA SER B 535 -26.53 5.76 -1.17
C SER B 535 -27.47 4.58 -1.50
N SER B 536 -28.66 4.87 -2.09
CA SER B 536 -29.60 3.80 -2.45
C SER B 536 -29.20 3.13 -3.76
N GLN B 537 -28.41 3.80 -4.66
CA GLN B 537 -27.92 3.31 -5.97
C GLN B 537 -27.26 1.96 -5.79
N GLY B 538 -27.73 0.98 -6.57
CA GLY B 538 -27.24 -0.39 -6.47
C GLY B 538 -28.17 -1.32 -5.69
N SER B 539 -28.90 -0.76 -4.69
CA SER B 539 -29.82 -1.52 -3.82
C SER B 539 -31.28 -1.56 -4.31
N GLU B 540 -32.06 -2.54 -3.81
CA GLU B 540 -33.48 -2.67 -4.13
C GLU B 540 -34.28 -3.01 -2.87
N TYR B 541 -35.52 -2.51 -2.82
CA TYR B 541 -36.45 -2.65 -1.70
C TYR B 541 -37.88 -2.85 -2.25
N ASP B 542 -38.71 -3.68 -1.58
CA ASP B 542 -40.09 -3.93 -2.02
C ASP B 542 -40.90 -2.61 -2.08
N TYR B 543 -40.86 -1.85 -0.98
CA TYR B 543 -41.58 -0.60 -0.94
C TYR B 543 -40.64 0.55 -0.68
N VAL B 544 -40.90 1.66 -1.35
CA VAL B 544 -40.07 2.84 -1.26
C VAL B 544 -40.98 4.03 -1.01
N ILE B 545 -40.62 4.86 -0.05
CA ILE B 545 -41.34 6.11 0.19
C ILE B 545 -40.34 7.19 -0.10
N PHE B 546 -40.61 8.01 -1.11
CA PHE B 546 -39.70 9.06 -1.52
C PHE B 546 -40.28 10.47 -1.32
N THR B 547 -39.63 11.32 -0.50
CA THR B 547 -40.07 12.72 -0.39
C THR B 547 -39.03 13.57 -1.15
N GLN B 548 -39.45 14.34 -2.18
CA GLN B 548 -38.50 15.13 -2.97
C GLN B 548 -37.85 16.27 -2.19
N THR B 549 -38.44 16.66 -1.04
CA THR B 549 -38.00 17.68 -0.07
C THR B 549 -38.04 19.16 -0.61
N THR B 550 -37.36 19.43 -1.73
CA THR B 550 -37.28 20.76 -2.37
C THR B 550 -37.41 20.60 -3.92
N GLU B 551 -37.55 21.73 -4.65
CA GLU B 551 -37.52 21.68 -6.11
C GLU B 551 -36.28 22.41 -6.57
N THR B 552 -35.13 22.04 -6.00
CA THR B 552 -33.82 22.56 -6.36
C THR B 552 -33.27 21.79 -7.59
N ALA B 553 -32.12 22.20 -8.15
CA ALA B 553 -31.52 21.48 -9.26
C ALA B 553 -31.02 20.07 -8.80
N HIS B 554 -30.64 19.93 -7.50
CA HIS B 554 -30.18 18.67 -6.89
C HIS B 554 -31.31 17.62 -6.83
N SER B 555 -32.47 18.02 -6.27
CA SER B 555 -33.58 17.09 -6.14
C SER B 555 -34.37 16.90 -7.43
N CYS B 556 -34.22 17.82 -8.41
CA CYS B 556 -34.85 17.67 -9.73
C CYS B 556 -33.94 16.99 -10.75
N ASN B 557 -32.70 16.61 -10.36
CA ASN B 557 -31.75 15.97 -11.28
C ASN B 557 -32.35 14.68 -11.77
N VAL B 558 -32.48 14.49 -13.10
CA VAL B 558 -33.11 13.31 -13.67
C VAL B 558 -32.36 12.03 -13.37
N ASN B 559 -31.02 12.05 -13.20
CA ASN B 559 -30.28 10.82 -12.88
C ASN B 559 -30.57 10.37 -11.47
N ARG B 560 -30.65 11.32 -10.54
CA ARG B 560 -30.98 11.08 -9.15
C ARG B 560 -32.48 10.62 -9.09
N PHE B 561 -33.37 11.26 -9.87
CA PHE B 561 -34.78 10.90 -9.91
C PHE B 561 -34.99 9.48 -10.38
N ASN B 562 -34.27 9.11 -11.46
CA ASN B 562 -34.24 7.79 -12.07
C ASN B 562 -33.79 6.77 -11.03
N VAL B 563 -32.73 7.10 -10.24
CA VAL B 563 -32.23 6.19 -9.20
C VAL B 563 -33.25 6.07 -8.06
N ALA B 564 -33.80 7.18 -7.60
CA ALA B 564 -34.77 7.18 -6.52
C ALA B 564 -35.96 6.24 -6.74
N ILE B 565 -36.60 6.33 -7.91
CA ILE B 565 -37.79 5.57 -8.17
C ILE B 565 -37.51 4.14 -8.67
N THR B 566 -36.30 3.84 -9.20
CA THR B 566 -35.98 2.47 -9.67
C THR B 566 -35.46 1.53 -8.55
N ARG B 567 -35.55 1.96 -7.28
CA ARG B 567 -35.16 1.13 -6.13
C ARG B 567 -36.28 0.16 -5.75
N ALA B 568 -37.55 0.46 -6.12
CA ALA B 568 -38.79 -0.28 -5.80
C ALA B 568 -39.09 -1.55 -6.63
N LYS B 569 -39.35 -2.66 -5.91
CA LYS B 569 -39.73 -3.95 -6.52
C LYS B 569 -41.27 -4.05 -6.62
N VAL B 570 -41.98 -3.60 -5.60
CA VAL B 570 -43.45 -3.69 -5.56
C VAL B 570 -44.17 -2.33 -5.64
N GLY B 571 -43.90 -1.42 -4.71
CA GLY B 571 -44.61 -0.16 -4.66
C GLY B 571 -43.73 1.00 -4.30
N ILE B 572 -44.18 2.20 -4.71
CA ILE B 572 -43.53 3.46 -4.45
C ILE B 572 -44.57 4.58 -4.16
N LEU B 573 -44.27 5.42 -3.18
CA LEU B 573 -45.08 6.58 -2.87
C LEU B 573 -44.14 7.79 -3.10
N CYS B 574 -44.43 8.69 -4.05
CA CYS B 574 -43.60 9.86 -4.29
C CYS B 574 -44.29 11.13 -3.87
N ILE B 575 -43.77 11.83 -2.83
CA ILE B 575 -44.33 13.12 -2.42
C ILE B 575 -43.44 14.08 -3.17
N MET B 576 -43.99 14.73 -4.22
CA MET B 576 -43.24 15.60 -5.13
C MET B 576 -43.38 17.10 -4.86
N SER B 577 -42.36 17.87 -5.26
CA SER B 577 -42.28 19.33 -5.16
C SER B 577 -42.25 19.96 -6.56
N ASP B 578 -41.60 19.27 -7.52
CA ASP B 578 -41.46 19.68 -8.90
C ASP B 578 -42.66 19.20 -9.70
N ARG B 579 -43.41 20.15 -10.32
CA ARG B 579 -44.58 19.80 -11.14
C ARG B 579 -44.13 19.02 -12.37
N ASP B 580 -43.01 19.41 -12.98
CA ASP B 580 -42.42 18.76 -14.15
C ASP B 580 -42.24 17.23 -13.92
N LEU B 581 -41.43 16.83 -12.92
CA LEU B 581 -41.21 15.43 -12.58
C LEU B 581 -42.48 14.75 -12.04
N TYR B 582 -43.40 15.50 -11.35
CA TYR B 582 -44.65 14.93 -10.86
C TYR B 582 -45.52 14.48 -12.08
N ASP B 583 -45.62 15.35 -13.10
CA ASP B 583 -46.37 15.14 -14.34
C ASP B 583 -45.74 14.02 -15.17
N LYS B 584 -44.41 13.83 -15.07
CA LYS B 584 -43.69 12.77 -15.77
C LYS B 584 -43.93 11.39 -15.11
N LEU B 585 -44.19 11.36 -13.79
CA LEU B 585 -44.50 10.11 -13.06
C LEU B 585 -45.79 9.44 -13.56
N GLN B 586 -45.69 8.24 -14.13
CA GLN B 586 -46.86 7.50 -14.60
C GLN B 586 -47.38 6.61 -13.48
N PHE B 587 -47.75 7.25 -12.37
CA PHE B 587 -48.25 6.67 -11.12
C PHE B 587 -49.67 7.16 -10.88
N THR B 588 -50.37 6.50 -9.94
CA THR B 588 -51.73 6.85 -9.55
C THR B 588 -51.65 8.08 -8.66
N SER B 589 -52.28 9.17 -9.06
CA SER B 589 -52.32 10.41 -8.29
C SER B 589 -53.17 10.24 -6.99
N LEU B 590 -52.65 10.73 -5.84
CA LEU B 590 -53.40 10.69 -4.57
C LEU B 590 -53.76 12.13 -4.14
N GLU B 591 -54.75 12.29 -3.23
CA GLU B 591 -55.14 13.62 -2.77
C GLU B 591 -54.48 13.94 -1.40
N ILE B 592 -54.22 15.24 -1.13
CA ILE B 592 -53.59 15.64 0.15
C ILE B 592 -54.63 15.80 1.26
N PRO B 593 -54.50 14.99 2.35
CA PRO B 593 -55.47 15.09 3.46
C PRO B 593 -55.51 16.43 4.20
N1 VWG C . 29.17 11.85 10.67
C4 VWG C . 32.45 9.35 10.28
C5 VWG C . 33.38 9.63 9.25
C6 VWG C . 34.53 8.84 9.02
C7 VWG C . 35.43 9.18 8.06
C8 VWG C . 35.20 10.31 7.24
C10 VWG C . 33.15 10.76 8.42
O1 VWG C . 28.76 12.83 11.58
C1 VWG C . 30.05 12.15 9.72
O2 VWG C . 30.07 13.24 9.16
C2 VWG C . 31.19 11.22 9.52
C3 VWG C . 31.35 10.14 10.39
C9 VWG C . 34.09 11.08 7.42
N2 VWG C . 32.05 11.55 8.59
ZN ZN D . -6.29 -46.89 -7.74
ZN ZN E . 8.19 -30.94 -3.32
ZN ZN F . 12.90 -27.71 -14.87
P PO4 G . 28.35 5.46 10.64
O1 PO4 G . 28.13 4.85 12.10
O2 PO4 G . 29.24 4.47 9.81
O3 PO4 G . 29.06 6.88 10.77
O4 PO4 G . 26.92 5.69 9.93
P PO4 H . 26.97 1.11 13.26
O1 PO4 H . 27.84 1.71 14.46
O2 PO4 H . 27.94 0.74 12.12
O3 PO4 H . 26.18 -0.19 13.74
O4 PO4 H . 25.96 2.23 12.72
ZN ZN I . 1.20 26.96 -14.76
ZN ZN J . 5.33 21.92 -25.82
ZN ZN K . 17.32 39.59 -7.53
P PO4 L . -28.57 -5.11 -11.83
O1 PO4 L . -27.18 -5.89 -11.64
O2 PO4 L . -28.65 -3.86 -10.83
O3 PO4 L . -29.79 -6.10 -11.54
O4 PO4 L . -28.61 -4.51 -13.31
P PO4 M . -28.77 -0.42 -10.27
O1 PO4 M . -27.99 -1.71 -9.73
O2 PO4 M . -28.28 0.83 -9.52
O3 PO4 M . -30.34 -0.58 -10.03
O4 PO4 M . -28.42 -0.23 -11.82
#